data_3V65
#
_entry.id   3V65
#
_cell.length_a   83.720
_cell.length_b   110.230
_cell.length_c   158.110
_cell.angle_alpha   90.00
_cell.angle_beta   90.00
_cell.angle_gamma   90.00
#
_symmetry.space_group_name_H-M   'P 21 21 21'
#
loop_
_entity.id
_entity.type
_entity.pdbx_description
1 polymer Agrin
2 polymer 'Low-density lipoprotein receptor-related protein 4'
3 non-polymer 'CALCIUM ION'
#
loop_
_entity_poly.entity_id
_entity_poly.type
_entity_poly.pdbx_seq_one_letter_code
_entity_poly.pdbx_strand_id
1 'polypeptide(L)'
;ALETLAFDGRTYIEYLNAVIESELTNEIPAEKALQSNHFELSLRTEATQGLVLWIGKAAERADYMALAIVDGHLQLSYDL
GSQPVVLRSTVKVNTNRWLRIRAHREHREGSLQVGNEAPVTGSSPLGATQLDTDGALWLGGLQKLPVGQALPKAYGTGFV
GCLRDVVVGHRQLHLLEDAVTKPELRPCPTP
;
A,C
2 'polypeptide(L)'
;TGEENCNVNNGGCAQKCQMIRGAVQCTCHTGYRLTEDGRTCQDVNECAEEGYCSQGCTNSEGAFQCWCEAGYELRPDRRS
CKALGPEPVLLFANRIDIRQVLPHRSEYTLLLNNLENAIALDFHHRRELVFWSDVTLDRILRANLNGSNVEEVVSTGLES
PGGLAVDWVHDKLYWTDSGTSRIEVANLDGAHRKVLLWQSLEKPRAIALHPMEGTIYWTDWGNTPRIEASSMDGSGRRII
ADTHLFWPNGLTIDYAGRRMYWVDAKHHVIERANLDGSHRKAVISQGLPHPFAITVFEDSLYWTDWHTKSINSANKFTGK
NQEIIRNKLHFPMDIHTLHPQRQPAGKNRCGDNNGGCTHLCLPSGQNYTCACPTGFRKINSHACAQ
;
B,D
#
loop_
_chem_comp.id
_chem_comp.type
_chem_comp.name
_chem_comp.formula
CA non-polymer 'CALCIUM ION' 'Ca 2'
#
# COMPACT_ATOMS: atom_id res chain seq x y z
N ALA A 1 14.83 -33.66 -9.49
CA ALA A 1 14.24 -32.49 -10.20
C ALA A 1 14.61 -32.50 -11.68
N LEU A 2 14.08 -31.53 -12.42
CA LEU A 2 14.54 -31.24 -13.79
C LEU A 2 14.87 -29.74 -13.90
N GLU A 3 16.14 -29.46 -14.23
CA GLU A 3 16.80 -28.19 -13.85
C GLU A 3 16.74 -27.02 -14.86
N THR A 4 16.58 -27.33 -16.14
CA THR A 4 16.38 -26.33 -17.18
C THR A 4 15.20 -26.77 -18.05
N LEU A 5 14.62 -25.86 -18.82
CA LEU A 5 13.50 -26.20 -19.72
C LEU A 5 13.57 -25.55 -21.10
N ALA A 6 13.09 -26.27 -22.10
CA ALA A 6 13.14 -25.84 -23.50
C ALA A 6 11.77 -25.55 -24.10
N PHE A 7 11.62 -24.35 -24.64
CA PHE A 7 10.34 -23.86 -25.12
C PHE A 7 10.40 -23.60 -26.63
N ASP A 8 9.46 -24.19 -27.36
CA ASP A 8 9.42 -24.10 -28.82
C ASP A 8 8.45 -23.05 -29.37
N GLY A 9 7.97 -22.16 -28.51
CA GLY A 9 6.92 -21.23 -28.91
C GLY A 9 5.62 -21.97 -29.18
N ARG A 10 5.56 -23.19 -28.66
CA ARG A 10 4.38 -24.06 -28.71
C ARG A 10 4.28 -24.94 -27.45
N THR A 11 5.09 -24.61 -26.45
CA THR A 11 4.97 -25.22 -25.12
C THR A 11 4.56 -24.18 -24.06
N TYR A 12 3.38 -24.40 -23.48
CA TYR A 12 2.78 -23.47 -22.52
C TYR A 12 2.43 -24.22 -21.23
N ILE A 13 3.07 -23.82 -20.12
CA ILE A 13 2.93 -24.50 -18.84
C ILE A 13 2.12 -23.70 -17.84
N GLU A 14 1.30 -24.40 -17.06
CA GLU A 14 0.59 -23.83 -15.92
C GLU A 14 1.21 -24.37 -14.62
N TYR A 15 1.27 -23.52 -13.59
CA TYR A 15 1.66 -23.93 -12.24
C TYR A 15 0.58 -23.40 -11.29
N LEU A 16 0.75 -23.59 -9.99
CA LEU A 16 -0.15 -22.97 -9.02
C LEU A 16 0.52 -21.95 -8.08
N ASN A 17 0.70 -20.72 -8.61
CA ASN A 17 1.25 -19.56 -7.88
C ASN A 17 0.68 -19.38 -6.46
N ALA A 18 -0.43 -18.66 -6.35
CA ALA A 18 -0.97 -18.28 -5.04
C ALA A 18 -2.44 -18.69 -4.86
N VAL A 19 -2.64 -19.68 -4.00
CA VAL A 19 -3.97 -20.21 -3.74
C VAL A 19 -4.37 -20.03 -2.28
N ILE A 20 -5.58 -20.45 -1.95
CA ILE A 20 -6.02 -20.64 -0.57
C ILE A 20 -6.22 -22.15 -0.37
N GLU A 21 -5.31 -22.77 0.39
CA GLU A 21 -5.37 -24.21 0.62
C GLU A 21 -6.41 -24.55 1.68
N SER A 22 -7.68 -24.29 1.35
CA SER A 22 -8.75 -24.43 2.33
C SER A 22 -8.72 -25.80 2.99
N GLU A 23 -8.50 -26.83 2.18
CA GLU A 23 -8.43 -28.22 2.64
C GLU A 23 -7.49 -28.41 3.84
N LEU A 24 -6.54 -27.49 3.99
CA LEU A 24 -5.40 -27.63 4.92
C LEU A 24 -5.30 -26.52 5.96
N THR A 25 -5.88 -25.38 5.62
CA THR A 25 -5.82 -24.19 6.44
C THR A 25 -7.15 -23.93 7.15
N ASN A 26 -8.20 -24.66 6.75
CA ASN A 26 -9.58 -24.42 7.18
C ASN A 26 -10.08 -22.98 6.97
N GLU A 27 -9.35 -22.23 6.15
CA GLU A 27 -9.75 -20.90 5.72
C GLU A 27 -10.86 -20.96 4.69
N ILE A 28 -11.80 -20.02 4.82
CA ILE A 28 -12.80 -19.80 3.79
C ILE A 28 -12.07 -19.64 2.47
N PRO A 29 -12.57 -20.30 1.41
CA PRO A 29 -11.98 -20.17 0.07
C PRO A 29 -12.23 -18.82 -0.63
N ALA A 30 -11.19 -18.26 -1.26
CA ALA A 30 -11.36 -17.10 -2.14
C ALA A 30 -10.17 -16.88 -3.10
N GLU A 31 -10.35 -15.95 -4.04
CA GLU A 31 -9.26 -15.47 -4.87
C GLU A 31 -8.24 -14.80 -3.96
N LYS A 32 -6.97 -15.15 -4.12
CA LYS A 32 -5.93 -14.41 -3.43
C LYS A 32 -5.85 -13.05 -4.11
N ALA A 33 -5.88 -12.00 -3.32
CA ALA A 33 -5.62 -10.67 -3.85
C ALA A 33 -4.27 -10.29 -3.30
N LEU A 34 -3.31 -10.13 -4.20
CA LEU A 34 -1.96 -9.95 -3.74
C LEU A 34 -1.49 -8.51 -3.80
N GLN A 35 -0.91 -8.06 -2.69
CA GLN A 35 -0.16 -6.81 -2.65
C GLN A 35 1.16 -6.91 -3.40
N SER A 36 1.77 -8.11 -3.36
CA SER A 36 3.14 -8.28 -3.82
C SER A 36 3.35 -9.36 -4.88
N ASN A 37 4.29 -9.09 -5.78
CA ASN A 37 4.83 -10.06 -6.70
C ASN A 37 6.34 -10.00 -6.66
N HIS A 38 6.99 -11.16 -6.76
CA HIS A 38 8.43 -11.23 -6.94
C HIS A 38 8.71 -12.46 -7.76
N PHE A 39 9.61 -12.35 -8.72
CA PHE A 39 10.09 -13.56 -9.37
C PHE A 39 11.41 -13.39 -10.11
N GLU A 40 12.19 -14.45 -10.09
CA GLU A 40 13.46 -14.45 -10.76
C GLU A 40 13.42 -15.60 -11.74
N LEU A 41 14.26 -15.52 -12.77
CA LEU A 41 14.43 -16.60 -13.73
C LEU A 41 15.58 -16.28 -14.65
N SER A 42 16.30 -17.31 -15.05
CA SER A 42 17.26 -17.20 -16.12
C SER A 42 16.57 -17.55 -17.42
N LEU A 43 16.93 -16.82 -18.48
CA LEU A 43 16.34 -16.99 -19.80
C LEU A 43 17.43 -16.85 -20.86
N ARG A 44 17.34 -17.68 -21.88
CA ARG A 44 18.23 -17.58 -23.03
C ARG A 44 17.37 -17.75 -24.27
N THR A 45 17.46 -16.81 -25.21
CA THR A 45 16.61 -16.86 -26.40
C THR A 45 17.21 -16.19 -27.64
N GLU A 46 16.60 -16.46 -28.79
CA GLU A 46 16.95 -15.82 -30.05
C GLU A 46 15.81 -14.97 -30.59
N ALA A 47 14.58 -15.36 -30.25
CA ALA A 47 13.41 -14.57 -30.63
C ALA A 47 13.53 -13.15 -30.08
N THR A 48 12.96 -12.19 -30.82
CA THR A 48 12.89 -10.81 -30.38
C THR A 48 11.46 -10.46 -29.97
N GLN A 49 10.55 -11.43 -30.14
CA GLN A 49 9.15 -11.31 -29.69
C GLN A 49 8.69 -12.57 -28.95
N GLY A 50 7.87 -12.37 -27.91
CA GLY A 50 7.26 -13.50 -27.24
C GLY A 50 6.87 -13.30 -25.79
N LEU A 51 5.76 -13.91 -25.41
CA LEU A 51 5.30 -13.92 -24.01
C LEU A 51 5.93 -15.09 -23.25
N VAL A 52 6.69 -14.75 -22.20
CA VAL A 52 7.46 -15.72 -21.40
C VAL A 52 6.70 -16.23 -20.15
N LEU A 53 6.15 -15.28 -19.39
CA LEU A 53 5.58 -15.58 -18.10
C LEU A 53 4.31 -14.79 -17.91
N TRP A 54 3.31 -15.44 -17.32
CA TRP A 54 2.03 -14.84 -17.12
C TRP A 54 1.41 -15.25 -15.81
N ILE A 55 1.19 -14.27 -14.95
CA ILE A 55 0.48 -14.44 -13.68
C ILE A 55 -0.88 -13.82 -13.79
N GLY A 56 -1.88 -14.60 -13.42
CA GLY A 56 -3.27 -14.14 -13.33
C GLY A 56 -4.25 -15.16 -13.85
N LYS A 57 -5.51 -15.02 -13.44
CA LYS A 57 -6.59 -15.64 -14.19
C LYS A 57 -6.38 -15.28 -15.64
N ALA A 58 -6.69 -16.22 -16.53
CA ALA A 58 -6.80 -15.92 -17.94
C ALA A 58 -8.25 -15.58 -18.28
N ALA A 59 -8.62 -14.31 -18.08
CA ALA A 59 -9.96 -13.79 -18.39
C ALA A 59 -9.91 -12.30 -18.79
N GLU A 60 -11.08 -11.74 -19.10
CA GLU A 60 -11.19 -10.39 -19.66
C GLU A 60 -10.96 -9.30 -18.63
N ARG A 61 -9.90 -8.52 -18.85
CA ARG A 61 -9.45 -7.46 -17.93
C ARG A 61 -8.99 -7.95 -16.55
N ALA A 62 -9.43 -9.15 -16.15
CA ALA A 62 -8.96 -9.76 -14.91
C ALA A 62 -7.48 -9.46 -14.72
N ASP A 63 -7.15 -9.05 -13.50
CA ASP A 63 -5.79 -8.67 -13.20
C ASP A 63 -4.82 -9.75 -13.64
N TYR A 64 -3.70 -9.28 -14.17
CA TYR A 64 -2.64 -10.12 -14.67
C TYR A 64 -1.33 -9.37 -14.48
N MET A 65 -0.22 -10.09 -14.64
CA MET A 65 1.11 -9.52 -14.75
C MET A 65 1.83 -10.44 -15.71
N ALA A 66 2.45 -9.86 -16.73
CA ALA A 66 3.09 -10.65 -17.78
C ALA A 66 4.41 -10.07 -18.18
N LEU A 67 5.33 -10.98 -18.51
CA LEU A 67 6.64 -10.64 -19.08
C LEU A 67 6.74 -11.17 -20.52
N ALA A 68 7.00 -10.25 -21.45
CA ALA A 68 7.14 -10.58 -22.86
C ALA A 68 8.36 -9.89 -23.45
N ILE A 69 9.11 -10.60 -24.30
CA ILE A 69 10.13 -9.97 -25.11
C ILE A 69 9.40 -9.24 -26.24
N VAL A 70 9.68 -7.95 -26.40
CA VAL A 70 9.12 -7.18 -27.51
C VAL A 70 10.20 -6.30 -28.13
N ASP A 71 10.39 -6.46 -29.43
CA ASP A 71 11.41 -5.77 -30.21
C ASP A 71 12.79 -5.93 -29.55
N GLY A 72 13.13 -7.19 -29.25
CA GLY A 72 14.47 -7.56 -28.77
C GLY A 72 14.80 -7.12 -27.37
N HIS A 73 13.84 -6.47 -26.72
CA HIS A 73 13.96 -6.04 -25.32
C HIS A 73 12.95 -6.75 -24.48
N LEU A 74 13.29 -6.95 -23.21
CA LEU A 74 12.32 -7.49 -22.26
C LEU A 74 11.44 -6.37 -21.71
N GLN A 75 10.24 -6.72 -21.30
CA GLN A 75 9.41 -5.76 -20.58
C GLN A 75 8.29 -6.37 -19.75
N LEU A 76 8.09 -5.75 -18.58
CA LEU A 76 7.10 -6.14 -17.60
C LEU A 76 5.86 -5.26 -17.73
N SER A 77 4.72 -5.91 -17.93
CA SER A 77 3.44 -5.22 -17.88
C SER A 77 2.50 -5.94 -16.92
N TYR A 78 1.87 -5.16 -16.05
CA TYR A 78 0.86 -5.67 -15.14
C TYR A 78 -0.28 -4.67 -15.08
N ASP A 79 -1.47 -5.15 -14.71
CA ASP A 79 -2.65 -4.33 -14.61
C ASP A 79 -3.40 -4.78 -13.37
N LEU A 80 -3.80 -3.83 -12.52
CA LEU A 80 -4.36 -4.18 -11.21
C LEU A 80 -5.87 -3.90 -11.03
N GLY A 81 -6.43 -3.14 -11.96
CA GLY A 81 -7.81 -2.64 -11.88
C GLY A 81 -7.80 -1.31 -12.60
N SER A 82 -6.99 -0.39 -12.09
CA SER A 82 -6.66 0.83 -12.81
C SER A 82 -5.78 0.45 -13.98
N GLN A 83 -5.69 1.35 -14.95
CA GLN A 83 -4.92 1.14 -16.16
C GLN A 83 -3.55 0.51 -15.87
N PRO A 84 -3.00 -0.25 -16.83
CA PRO A 84 -1.75 -0.95 -16.58
C PRO A 84 -0.55 -0.03 -16.70
N VAL A 85 0.63 -0.57 -16.46
CA VAL A 85 1.86 0.07 -16.93
C VAL A 85 2.80 -0.94 -17.55
N VAL A 86 3.78 -0.43 -18.29
CA VAL A 86 4.79 -1.24 -18.96
C VAL A 86 6.20 -0.76 -18.56
N LEU A 87 7.05 -1.72 -18.23
CA LEU A 87 8.39 -1.39 -17.79
C LEU A 87 9.42 -1.97 -18.75
N ARG A 88 10.00 -1.11 -19.58
CA ARG A 88 10.87 -1.58 -20.65
C ARG A 88 12.36 -1.63 -20.30
N SER A 89 12.88 -2.85 -20.21
CA SER A 89 14.32 -3.11 -19.99
C SER A 89 15.17 -2.45 -21.06
N THR A 90 16.19 -1.74 -20.60
CA THR A 90 17.13 -1.06 -21.50
C THR A 90 18.07 -2.09 -22.14
N VAL A 91 17.67 -3.37 -22.12
CA VAL A 91 18.52 -4.50 -22.51
C VAL A 91 18.12 -5.18 -23.83
N LYS A 92 19.11 -5.63 -24.59
CA LYS A 92 18.90 -6.46 -25.76
C LYS A 92 18.95 -7.93 -25.31
N VAL A 93 17.89 -8.68 -25.61
CA VAL A 93 17.76 -10.06 -25.06
C VAL A 93 18.04 -11.20 -26.05
N ASN A 94 18.19 -10.85 -27.34
CA ASN A 94 18.36 -11.85 -28.40
C ASN A 94 19.80 -12.32 -28.60
N THR A 95 20.56 -12.39 -27.51
CA THR A 95 21.99 -12.66 -27.57
C THR A 95 22.38 -14.11 -27.29
N ASN A 96 21.38 -15.01 -27.18
CA ASN A 96 21.61 -16.43 -26.88
C ASN A 96 22.61 -16.69 -25.75
N ARG A 97 22.78 -15.70 -24.87
CA ARG A 97 23.54 -15.89 -23.66
C ARG A 97 22.53 -15.79 -22.52
N TRP A 98 22.64 -16.70 -21.55
CA TRP A 98 21.73 -16.75 -20.40
C TRP A 98 21.68 -15.43 -19.71
N LEU A 99 20.46 -14.97 -19.43
CA LEU A 99 20.24 -13.69 -18.77
C LEU A 99 19.37 -13.87 -17.52
N ARG A 100 19.73 -13.22 -16.43
CA ARG A 100 18.95 -13.24 -15.19
C ARG A 100 17.95 -12.07 -15.16
N ILE A 101 16.68 -12.40 -14.97
CA ILE A 101 15.60 -11.42 -14.93
C ILE A 101 15.14 -11.28 -13.51
N ARG A 102 14.95 -10.04 -13.07
CA ARG A 102 14.28 -9.78 -11.79
C ARG A 102 13.05 -8.85 -11.92
N ALA A 103 11.90 -9.33 -11.46
CA ALA A 103 10.68 -8.50 -11.36
C ALA A 103 10.10 -8.54 -9.94
N HIS A 104 9.69 -7.36 -9.45
CA HIS A 104 9.08 -7.23 -8.12
C HIS A 104 8.01 -6.18 -8.18
N ARG A 105 6.92 -6.40 -7.45
CA ARG A 105 5.84 -5.44 -7.37
C ARG A 105 5.30 -5.36 -5.96
N GLU A 106 5.54 -4.24 -5.29
CA GLU A 106 4.85 -3.92 -4.04
C GLU A 106 3.77 -2.93 -4.40
N HIS A 107 2.53 -3.29 -4.04
CA HIS A 107 1.33 -2.55 -4.44
C HIS A 107 1.44 -1.97 -5.83
N ARG A 108 1.27 -0.66 -5.99
CA ARG A 108 1.24 -0.04 -7.31
C ARG A 108 2.59 -0.01 -8.02
N GLU A 109 3.67 0.00 -7.25
CA GLU A 109 4.99 0.23 -7.82
C GLU A 109 5.62 -1.07 -8.27
N GLY A 110 6.17 -1.02 -9.47
CA GLY A 110 6.89 -2.16 -10.04
C GLY A 110 8.28 -1.81 -10.56
N SER A 111 9.10 -2.83 -10.72
CA SER A 111 10.44 -2.71 -11.29
C SER A 111 10.83 -3.99 -12.04
N LEU A 112 11.90 -3.91 -12.82
CA LEU A 112 12.38 -5.03 -13.61
C LEU A 112 13.87 -4.83 -13.93
N GLN A 113 14.66 -5.88 -13.71
CA GLN A 113 16.09 -5.81 -13.99
C GLN A 113 16.48 -6.96 -14.89
N VAL A 114 17.06 -6.63 -16.05
CA VAL A 114 17.53 -7.64 -16.96
C VAL A 114 19.05 -7.65 -16.93
N GLY A 115 19.62 -8.71 -16.33
CA GLY A 115 21.06 -8.81 -16.14
C GLY A 115 21.55 -7.80 -15.12
N ASN A 116 22.69 -7.18 -15.37
CA ASN A 116 23.24 -6.19 -14.45
C ASN A 116 22.90 -4.75 -14.85
N GLU A 117 21.84 -4.56 -15.63
CA GLU A 117 21.37 -3.21 -15.99
C GLU A 117 20.81 -2.48 -14.77
N ALA A 118 20.54 -1.18 -14.94
CA ALA A 118 19.86 -0.38 -13.93
C ALA A 118 18.37 -0.63 -14.03
N PRO A 119 17.75 -1.06 -12.91
CA PRO A 119 16.32 -1.37 -12.80
C PRO A 119 15.43 -0.29 -13.43
N VAL A 120 14.67 -0.66 -14.46
CA VAL A 120 13.64 0.23 -14.99
C VAL A 120 12.46 0.15 -14.04
N THR A 121 12.12 1.27 -13.40
CA THR A 121 11.03 1.29 -12.41
C THR A 121 9.82 2.08 -12.88
N GLY A 122 8.70 1.89 -12.19
CA GLY A 122 7.46 2.61 -12.49
C GLY A 122 6.30 2.35 -11.55
N SER A 123 5.26 3.15 -11.67
CA SER A 123 4.04 2.95 -10.91
C SER A 123 2.90 2.71 -11.88
N SER A 124 2.06 1.73 -11.57
CA SER A 124 0.78 1.60 -12.24
C SER A 124 -0.10 2.77 -11.81
N PRO A 125 -0.91 3.32 -12.74
CA PRO A 125 -1.81 4.44 -12.44
C PRO A 125 -2.54 4.27 -11.11
N LEU A 126 -2.69 5.38 -10.37
CA LEU A 126 -3.39 5.39 -9.09
C LEU A 126 -4.77 4.77 -9.14
N GLY A 127 -5.06 3.90 -8.18
CA GLY A 127 -6.41 3.39 -7.98
C GLY A 127 -6.53 1.91 -7.67
N ALA A 128 -5.49 1.14 -7.93
CA ALA A 128 -5.60 -0.31 -7.81
C ALA A 128 -4.29 -0.90 -7.36
N THR A 129 -4.33 -1.71 -6.30
CA THR A 129 -3.10 -2.19 -5.66
C THR A 129 -2.98 -3.72 -5.62
N GLN A 130 -4.10 -4.40 -5.81
CA GLN A 130 -4.14 -5.85 -5.67
C GLN A 130 -4.12 -6.53 -7.01
N LEU A 131 -3.16 -7.44 -7.19
CA LEU A 131 -3.24 -8.37 -8.31
C LEU A 131 -4.25 -9.48 -7.98
N ASP A 132 -5.45 -9.32 -8.52
CA ASP A 132 -6.58 -10.23 -8.30
C ASP A 132 -6.48 -11.42 -9.25
N THR A 133 -6.23 -12.59 -8.67
CA THR A 133 -5.75 -13.74 -9.43
C THR A 133 -6.21 -15.05 -8.80
N ASP A 134 -6.59 -16.01 -9.65
CA ASP A 134 -6.90 -17.36 -9.18
C ASP A 134 -5.63 -18.02 -8.64
N GLY A 135 -4.49 -17.50 -9.09
CA GLY A 135 -3.20 -18.00 -8.67
C GLY A 135 -2.59 -18.83 -9.77
N ALA A 136 -3.13 -18.69 -10.99
CA ALA A 136 -2.57 -19.39 -12.14
C ALA A 136 -1.28 -18.69 -12.56
N LEU A 137 -0.32 -19.50 -13.00
CA LEU A 137 0.92 -18.97 -13.51
C LEU A 137 1.33 -19.80 -14.70
N TRP A 138 1.62 -19.10 -15.79
CA TRP A 138 1.89 -19.77 -17.05
C TRP A 138 3.24 -19.44 -17.63
N LEU A 139 4.00 -20.49 -17.93
CA LEU A 139 5.33 -20.34 -18.54
C LEU A 139 5.40 -20.65 -20.03
N GLY A 140 6.01 -19.74 -20.79
CA GLY A 140 6.23 -19.91 -22.23
C GLY A 140 5.22 -19.18 -23.10
N GLY A 141 4.19 -18.63 -22.47
CA GLY A 141 3.07 -18.03 -23.17
C GLY A 141 1.80 -18.77 -22.82
N LEU A 142 0.83 -18.76 -23.75
CA LEU A 142 -0.48 -19.36 -23.55
C LEU A 142 -1.03 -19.90 -24.89
N GLN A 143 -1.86 -20.95 -24.82
CA GLN A 143 -2.41 -21.60 -26.03
C GLN A 143 -3.84 -21.15 -26.29
N LYS A 144 -4.04 -20.43 -27.40
CA LYS A 144 -5.36 -19.94 -27.80
C LYS A 144 -6.03 -19.26 -26.60
N LEU A 145 -5.23 -18.46 -25.88
CA LEU A 145 -5.57 -17.93 -24.56
C LEU A 145 -5.31 -16.42 -24.32
N PRO A 146 -4.79 -15.66 -25.32
CA PRO A 146 -4.54 -14.24 -25.03
C PRO A 146 -5.84 -13.48 -24.71
N VAL A 147 -6.08 -13.26 -23.42
CA VAL A 147 -7.44 -13.03 -22.89
C VAL A 147 -8.06 -11.63 -23.03
N GLY A 148 -9.38 -11.62 -23.23
CA GLY A 148 -10.19 -10.39 -23.44
C GLY A 148 -9.64 -9.53 -24.56
N GLN A 149 -9.97 -8.24 -24.53
CA GLN A 149 -9.19 -7.27 -25.29
C GLN A 149 -8.41 -6.38 -24.34
N ALA A 150 -7.09 -6.36 -24.55
CA ALA A 150 -6.16 -5.65 -23.69
C ALA A 150 -4.82 -5.42 -24.40
N LEU A 151 -4.23 -6.51 -24.87
CA LEU A 151 -2.77 -6.65 -25.00
C LEU A 151 -2.09 -6.00 -26.22
N PRO A 152 -0.80 -5.61 -26.06
CA PRO A 152 0.14 -5.30 -27.15
C PRO A 152 0.46 -6.55 -27.96
N LYS A 153 0.73 -6.35 -29.24
CA LYS A 153 0.69 -7.42 -30.24
C LYS A 153 1.56 -8.66 -30.01
N ALA A 154 2.78 -8.46 -29.52
CA ALA A 154 3.77 -9.55 -29.38
C ALA A 154 3.45 -10.58 -28.28
N TYR A 155 2.42 -10.28 -27.48
CA TYR A 155 1.97 -11.14 -26.39
C TYR A 155 1.18 -12.36 -26.90
N GLY A 156 1.41 -12.70 -28.17
CA GLY A 156 0.78 -13.85 -28.82
C GLY A 156 1.81 -14.69 -29.56
N THR A 157 2.96 -14.08 -29.84
CA THR A 157 4.14 -14.83 -30.24
C THR A 157 4.45 -15.78 -29.07
N GLY A 158 4.56 -17.07 -29.36
CA GLY A 158 5.01 -18.06 -28.38
C GLY A 158 6.47 -17.82 -28.08
N PHE A 159 6.96 -18.29 -26.93
CA PHE A 159 8.31 -17.91 -26.49
C PHE A 159 9.41 -18.12 -27.54
N VAL A 160 9.86 -19.37 -27.69
CA VAL A 160 11.01 -19.77 -28.52
C VAL A 160 12.33 -19.40 -27.84
N GLY A 161 12.71 -20.20 -26.86
CA GLY A 161 13.91 -19.99 -26.08
C GLY A 161 13.96 -20.95 -24.92
N CYS A 162 14.75 -20.60 -23.91
CA CYS A 162 15.04 -21.49 -22.78
C CYS A 162 15.07 -20.79 -21.43
N LEU A 163 14.70 -21.52 -20.38
CA LEU A 163 14.64 -20.98 -19.01
C LEU A 163 15.19 -21.94 -17.96
N ARG A 164 15.51 -21.40 -16.78
CA ARG A 164 15.97 -22.17 -15.61
C ARG A 164 16.02 -21.29 -14.36
N ASP A 165 16.15 -21.93 -13.20
CA ASP A 165 16.27 -21.28 -11.88
C ASP A 165 15.15 -20.32 -11.56
N VAL A 166 13.92 -20.75 -11.88
CA VAL A 166 12.75 -19.92 -11.69
C VAL A 166 12.35 -19.87 -10.21
N VAL A 167 12.36 -18.65 -9.68
CA VAL A 167 11.86 -18.36 -8.35
C VAL A 167 10.53 -17.61 -8.47
N VAL A 168 9.54 -18.03 -7.69
CA VAL A 168 8.27 -17.35 -7.60
C VAL A 168 8.13 -16.94 -6.14
N GLY A 169 8.38 -15.67 -5.89
CA GLY A 169 8.38 -15.12 -4.54
C GLY A 169 9.58 -15.60 -3.77
N HIS A 170 9.30 -16.36 -2.70
CA HIS A 170 10.33 -16.86 -1.80
C HIS A 170 10.54 -18.34 -2.02
N ARG A 171 9.78 -18.88 -2.95
CA ARG A 171 9.78 -20.29 -3.25
C ARG A 171 10.49 -20.49 -4.56
N GLN A 172 11.54 -21.31 -4.56
CA GLN A 172 12.24 -21.72 -5.78
C GLN A 172 11.40 -22.80 -6.46
N LEU A 173 11.22 -22.67 -7.77
CA LEU A 173 10.24 -23.46 -8.50
C LEU A 173 10.78 -24.81 -8.96
N HIS A 174 10.00 -25.88 -8.77
CA HIS A 174 10.36 -27.22 -9.27
C HIS A 174 9.80 -27.48 -10.65
N LEU A 175 10.49 -27.00 -11.68
CA LEU A 175 10.02 -27.00 -13.08
C LEU A 175 9.12 -28.17 -13.55
N LEU A 176 9.66 -29.39 -13.58
CA LEU A 176 8.90 -30.55 -14.02
C LEU A 176 7.84 -30.94 -12.99
N GLU A 177 8.27 -31.22 -11.76
CA GLU A 177 7.40 -31.81 -10.74
C GLU A 177 6.36 -30.85 -10.13
N ASP A 178 6.47 -29.56 -10.46
CA ASP A 178 5.48 -28.57 -10.05
C ASP A 178 4.49 -28.23 -11.15
N ALA A 179 4.83 -28.54 -12.39
CA ALA A 179 3.93 -28.29 -13.51
C ALA A 179 2.56 -28.82 -13.11
N VAL A 180 1.51 -28.05 -13.39
CA VAL A 180 0.14 -28.51 -13.11
C VAL A 180 -0.55 -28.87 -14.41
N THR A 181 -0.16 -28.19 -15.49
CA THR A 181 -0.48 -28.60 -16.85
C THR A 181 0.85 -28.71 -17.61
N LYS A 182 1.22 -29.93 -17.99
CA LYS A 182 2.54 -30.19 -18.60
C LYS A 182 2.46 -30.80 -20.00
N PRO A 183 3.07 -30.12 -20.99
CA PRO A 183 3.39 -30.73 -22.27
C PRO A 183 4.42 -31.85 -22.10
N GLU A 184 5.67 -31.60 -22.45
CA GLU A 184 6.66 -32.68 -22.44
C GLU A 184 7.93 -32.36 -21.65
N LEU A 185 8.39 -33.37 -20.89
CA LEU A 185 9.66 -33.28 -20.19
C LEU A 185 10.79 -33.14 -21.19
N ARG A 186 11.17 -31.89 -21.44
CA ARG A 186 12.23 -31.55 -22.38
C ARG A 186 13.30 -30.68 -21.72
N PRO A 187 14.50 -31.26 -21.48
CA PRO A 187 15.62 -30.48 -20.98
C PRO A 187 16.25 -29.64 -22.09
N CYS A 188 16.88 -28.53 -21.69
CA CYS A 188 17.35 -27.49 -22.61
C CYS A 188 18.72 -27.81 -23.24
N PRO A 189 18.79 -27.84 -24.59
CA PRO A 189 20.09 -28.04 -25.27
C PRO A 189 20.99 -26.79 -25.34
N THR A 190 22.07 -26.76 -24.55
CA THR A 190 23.02 -25.63 -24.54
C THR A 190 23.91 -25.68 -25.80
N PRO A 191 23.98 -24.56 -26.56
CA PRO A 191 24.80 -24.50 -27.78
C PRO A 191 26.29 -24.37 -27.46
N TYR B 52 -34.42 -39.71 23.54
CA TYR B 52 -35.00 -41.03 23.13
C TYR B 52 -36.51 -41.05 23.34
N CYS B 53 -37.02 -39.87 23.68
CA CYS B 53 -38.46 -39.54 23.75
C CYS B 53 -38.73 -38.16 23.08
N SER B 54 -37.84 -37.77 22.16
CA SER B 54 -37.98 -36.57 21.32
C SER B 54 -37.88 -35.23 22.05
N GLN B 55 -38.79 -35.00 22.99
CA GLN B 55 -38.82 -33.69 23.66
C GLN B 55 -39.05 -33.77 25.17
N GLY B 56 -39.95 -34.65 25.61
CA GLY B 56 -40.22 -34.79 27.03
C GLY B 56 -40.85 -36.09 27.43
N CYS B 57 -40.41 -36.62 28.56
CA CYS B 57 -41.02 -37.79 29.17
C CYS B 57 -41.37 -37.47 30.63
N THR B 58 -42.03 -38.43 31.28
CA THR B 58 -42.15 -38.51 32.75
C THR B 58 -42.71 -39.88 33.11
N PHE B 64 -42.37 -43.30 30.89
CA PHE B 64 -43.32 -44.15 30.20
C PHE B 64 -44.14 -43.38 29.17
N GLN B 65 -44.46 -42.13 29.48
CA GLN B 65 -45.25 -41.30 28.58
C GLN B 65 -44.41 -40.14 28.00
N CYS B 66 -44.66 -39.85 26.72
CA CYS B 66 -43.93 -38.81 25.99
C CYS B 66 -44.76 -37.56 25.79
N TRP B 67 -44.06 -36.46 25.50
CA TRP B 67 -44.69 -35.16 25.34
C TRP B 67 -44.04 -34.35 24.22
N CYS B 68 -44.87 -33.60 23.50
CA CYS B 68 -44.41 -32.62 22.52
C CYS B 68 -44.46 -31.23 23.13
N GLU B 69 -44.17 -30.20 22.33
CA GLU B 69 -44.04 -28.86 22.87
C GLU B 69 -44.24 -27.74 21.86
N ALA B 70 -44.68 -26.59 22.36
CA ALA B 70 -44.80 -25.39 21.53
C ALA B 70 -45.54 -25.79 20.26
N GLY B 71 -44.97 -25.43 19.11
CA GLY B 71 -45.57 -25.78 17.84
C GLY B 71 -45.11 -27.11 17.27
N TYR B 72 -45.26 -28.17 18.08
CA TYR B 72 -44.96 -29.54 17.66
C TYR B 72 -46.13 -30.42 18.07
N GLU B 73 -46.25 -31.59 17.45
CA GLU B 73 -47.36 -32.48 17.73
C GLU B 73 -46.96 -33.94 17.57
N LEU B 74 -47.00 -34.72 18.66
CA LEU B 74 -46.56 -36.11 18.63
C LEU B 74 -47.12 -36.88 17.43
N ARG B 75 -46.22 -37.50 16.67
CA ARG B 75 -46.61 -38.26 15.48
C ARG B 75 -47.35 -39.52 15.87
N PRO B 76 -48.07 -40.13 14.90
CA PRO B 76 -48.58 -41.48 15.12
C PRO B 76 -47.46 -42.47 15.53
N ASP B 77 -46.99 -42.29 16.76
CA ASP B 77 -45.96 -43.14 17.38
C ASP B 77 -45.80 -42.74 18.85
N ARG B 78 -46.17 -41.49 19.13
CA ARG B 78 -46.16 -40.93 20.49
C ARG B 78 -44.77 -40.81 21.14
N ARG B 79 -43.71 -41.00 20.36
CA ARG B 79 -42.34 -40.63 20.77
C ARG B 79 -41.93 -39.40 19.95
N SER B 80 -42.10 -39.52 18.64
CA SER B 80 -41.74 -38.54 17.62
C SER B 80 -42.51 -37.21 17.74
N CYS B 81 -41.80 -36.09 17.59
CA CYS B 81 -42.41 -34.77 17.72
C CYS B 81 -42.38 -33.93 16.44
N LYS B 82 -43.37 -34.07 15.56
CA LYS B 82 -43.37 -33.27 14.32
C LYS B 82 -43.66 -31.80 14.54
N ALA B 83 -42.96 -30.94 13.80
CA ALA B 83 -43.23 -29.53 13.86
C ALA B 83 -44.47 -29.15 13.05
N LEU B 84 -45.23 -28.22 13.63
CA LEU B 84 -46.40 -27.64 12.99
C LEU B 84 -45.96 -26.68 11.89
N GLY B 85 -46.94 -26.06 11.22
CA GLY B 85 -46.68 -25.06 10.18
C GLY B 85 -46.31 -25.66 8.83
N PRO B 86 -45.59 -24.88 7.99
CA PRO B 86 -45.10 -25.33 6.68
C PRO B 86 -44.02 -26.41 6.78
N GLU B 87 -43.59 -26.92 5.63
CA GLU B 87 -42.51 -27.91 5.57
C GLU B 87 -41.14 -27.27 5.82
N PRO B 88 -40.28 -27.93 6.62
CA PRO B 88 -38.99 -27.27 6.80
C PRO B 88 -38.23 -27.30 5.48
N VAL B 89 -37.64 -26.16 5.16
CA VAL B 89 -36.79 -26.02 3.98
C VAL B 89 -35.36 -25.78 4.46
N LEU B 90 -34.38 -26.47 3.87
CA LEU B 90 -32.99 -26.21 4.24
C LEU B 90 -32.48 -25.08 3.39
N LEU B 91 -32.06 -24.00 4.04
CA LEU B 91 -31.53 -22.83 3.37
C LEU B 91 -30.02 -22.81 3.52
N PHE B 92 -29.29 -22.54 2.44
CA PHE B 92 -27.83 -22.51 2.56
C PHE B 92 -27.11 -21.71 1.49
N ALA B 93 -25.87 -21.32 1.80
CA ALA B 93 -25.02 -20.56 0.88
C ALA B 93 -24.08 -21.46 0.06
N ASN B 94 -23.61 -20.92 -1.06
CA ASN B 94 -22.90 -21.73 -2.03
C ASN B 94 -21.74 -21.04 -2.69
N ARG B 95 -21.24 -20.01 -2.00
CA ARG B 95 -20.24 -19.09 -2.54
C ARG B 95 -20.81 -18.22 -3.66
N ILE B 96 -21.35 -18.86 -4.69
CA ILE B 96 -21.97 -18.16 -5.81
C ILE B 96 -23.47 -17.92 -5.64
N ASP B 97 -24.23 -18.91 -5.17
CA ASP B 97 -25.67 -18.73 -5.03
C ASP B 97 -26.09 -18.80 -3.59
N ILE B 98 -27.39 -18.77 -3.38
CA ILE B 98 -28.01 -19.16 -2.12
C ILE B 98 -29.18 -20.05 -2.47
N ARG B 99 -29.25 -21.22 -1.85
CA ARG B 99 -30.13 -22.27 -2.34
C ARG B 99 -31.07 -22.87 -1.31
N GLN B 100 -32.08 -23.61 -1.79
CA GLN B 100 -33.06 -24.23 -0.94
C GLN B 100 -33.22 -25.69 -1.31
N VAL B 101 -33.24 -26.55 -0.30
CA VAL B 101 -33.33 -27.98 -0.53
C VAL B 101 -34.26 -28.62 0.48
N LEU B 102 -34.88 -29.71 0.03
CA LEU B 102 -35.83 -30.41 0.85
C LEU B 102 -35.21 -31.71 1.34
N PRO B 103 -34.84 -31.74 2.63
CA PRO B 103 -34.14 -32.78 3.37
C PRO B 103 -34.18 -34.17 2.74
N HIS B 104 -35.36 -34.67 2.40
CA HIS B 104 -35.41 -35.94 1.70
C HIS B 104 -36.01 -35.80 0.34
N ARG B 105 -35.27 -35.07 -0.49
CA ARG B 105 -35.55 -34.90 -1.91
C ARG B 105 -34.30 -34.51 -2.68
N SER B 106 -34.32 -34.88 -3.96
CA SER B 106 -33.35 -34.40 -4.95
C SER B 106 -33.48 -32.89 -5.09
N GLU B 107 -34.58 -32.35 -4.58
CA GLU B 107 -35.01 -30.97 -4.82
C GLU B 107 -33.91 -29.92 -4.78
N TYR B 108 -34.18 -28.78 -5.43
CA TYR B 108 -33.16 -27.88 -5.95
C TYR B 108 -33.82 -26.55 -6.22
N THR B 109 -33.36 -25.47 -5.58
CA THR B 109 -34.04 -24.18 -5.71
C THR B 109 -33.11 -22.99 -5.60
N LEU B 110 -32.76 -22.43 -6.76
CA LEU B 110 -31.86 -21.29 -6.82
C LEU B 110 -32.56 -20.00 -6.38
N LEU B 111 -32.17 -19.49 -5.21
CA LEU B 111 -32.82 -18.34 -4.55
C LEU B 111 -32.17 -16.99 -4.86
N LEU B 112 -30.85 -16.94 -4.88
CA LEU B 112 -30.10 -15.74 -5.26
C LEU B 112 -28.93 -16.11 -6.15
N ASN B 113 -28.65 -15.27 -7.14
CA ASN B 113 -27.74 -15.73 -8.17
C ASN B 113 -26.38 -15.07 -8.37
N ASN B 114 -26.35 -13.85 -8.87
CA ASN B 114 -25.06 -13.25 -9.22
C ASN B 114 -24.25 -12.82 -8.02
N LEU B 115 -23.75 -13.80 -7.28
CA LEU B 115 -23.02 -13.50 -6.06
C LEU B 115 -21.57 -13.89 -6.13
N GLU B 116 -20.74 -13.05 -5.51
CA GLU B 116 -19.31 -13.19 -5.60
C GLU B 116 -18.81 -14.31 -4.69
N ASN B 117 -18.90 -14.13 -3.38
CA ASN B 117 -18.40 -15.16 -2.48
C ASN B 117 -19.25 -15.32 -1.21
N ALA B 118 -20.42 -15.92 -1.36
CA ALA B 118 -21.42 -15.91 -0.29
C ALA B 118 -21.18 -17.02 0.73
N ILE B 119 -20.88 -16.63 1.98
CA ILE B 119 -20.52 -17.61 3.00
C ILE B 119 -21.60 -17.79 4.08
N ALA B 120 -21.74 -16.82 4.98
CA ALA B 120 -22.73 -16.94 6.06
C ALA B 120 -24.12 -16.45 5.68
N LEU B 121 -25.16 -17.10 6.22
CA LEU B 121 -26.53 -16.61 6.07
C LEU B 121 -27.39 -16.78 7.33
N ASP B 122 -28.53 -16.08 7.30
CA ASP B 122 -29.61 -16.25 8.28
C ASP B 122 -30.82 -15.46 7.79
N PHE B 123 -31.89 -15.46 8.57
CA PHE B 123 -33.16 -14.90 8.12
C PHE B 123 -33.99 -14.28 9.24
N HIS B 124 -35.15 -13.73 8.85
CA HIS B 124 -36.18 -13.23 9.76
C HIS B 124 -37.46 -13.76 9.19
N HIS B 125 -37.98 -14.83 9.79
CA HIS B 125 -39.11 -15.56 9.21
C HIS B 125 -40.30 -14.69 9.07
N ARG B 126 -40.71 -14.07 10.17
CA ARG B 126 -41.59 -12.91 10.11
C ARG B 126 -40.71 -11.76 9.65
N ARG B 127 -41.30 -10.72 9.04
CA ARG B 127 -40.54 -9.69 8.28
C ARG B 127 -39.96 -10.23 6.99
N GLU B 128 -39.97 -11.56 6.83
CA GLU B 128 -39.55 -12.24 5.60
C GLU B 128 -38.28 -11.68 4.97
N LEU B 129 -37.17 -11.80 5.71
CA LEU B 129 -35.89 -11.30 5.25
C LEU B 129 -34.85 -12.41 5.12
N VAL B 130 -33.76 -12.09 4.44
CA VAL B 130 -32.62 -13.00 4.34
C VAL B 130 -31.36 -12.18 4.23
N PHE B 131 -30.47 -12.35 5.20
CA PHE B 131 -29.19 -11.67 5.19
C PHE B 131 -28.14 -12.66 4.75
N TRP B 132 -27.00 -12.18 4.26
CA TRP B 132 -25.84 -13.03 3.97
C TRP B 132 -24.56 -12.26 3.84
N SER B 133 -23.44 -12.90 4.17
CA SER B 133 -22.15 -12.22 4.04
C SER B 133 -21.48 -12.59 2.73
N ASP B 134 -20.46 -11.82 2.37
CA ASP B 134 -19.67 -12.05 1.16
C ASP B 134 -18.22 -11.71 1.44
N VAL B 135 -17.33 -12.71 1.37
CA VAL B 135 -15.96 -12.56 1.86
C VAL B 135 -14.96 -11.86 0.90
N THR B 136 -15.24 -11.89 -0.39
CA THR B 136 -14.40 -11.14 -1.32
C THR B 136 -14.89 -9.71 -1.41
N LEU B 137 -16.21 -9.54 -1.44
CA LEU B 137 -16.84 -8.21 -1.48
C LEU B 137 -16.72 -7.49 -0.15
N ASP B 138 -16.50 -8.27 0.92
CA ASP B 138 -16.48 -7.78 2.29
C ASP B 138 -17.73 -6.94 2.57
N ARG B 139 -18.90 -7.55 2.39
CA ARG B 139 -20.18 -6.88 2.64
C ARG B 139 -21.11 -7.83 3.37
N ILE B 140 -22.07 -7.28 4.10
CA ILE B 140 -23.22 -8.08 4.53
C ILE B 140 -24.47 -7.43 3.95
N LEU B 141 -25.24 -8.25 3.24
CA LEU B 141 -26.42 -7.80 2.52
C LEU B 141 -27.67 -8.47 3.04
N ARG B 142 -28.82 -7.95 2.61
CA ARG B 142 -30.07 -8.60 2.90
C ARG B 142 -30.93 -8.57 1.66
N ALA B 143 -31.99 -9.36 1.68
CA ALA B 143 -32.93 -9.37 0.59
C ALA B 143 -34.32 -9.73 1.06
N ASN B 144 -35.29 -9.26 0.28
CA ASN B 144 -36.63 -9.81 0.27
C ASN B 144 -36.47 -11.32 0.09
N LEU B 145 -37.02 -12.11 1.01
CA LEU B 145 -36.91 -13.56 0.90
C LEU B 145 -37.56 -13.99 -0.41
N ASN B 146 -38.57 -13.22 -0.84
CA ASN B 146 -39.07 -13.20 -2.21
C ASN B 146 -37.90 -13.52 -3.15
N GLY B 147 -36.74 -12.93 -2.85
CA GLY B 147 -35.54 -13.08 -3.67
C GLY B 147 -35.22 -11.77 -4.33
N SER B 148 -36.07 -10.77 -4.05
CA SER B 148 -35.97 -9.44 -4.65
C SER B 148 -35.37 -8.41 -3.69
N ASN B 149 -35.29 -7.16 -4.15
CA ASN B 149 -34.82 -6.02 -3.34
C ASN B 149 -33.60 -6.34 -2.48
N VAL B 150 -32.46 -6.45 -3.16
CA VAL B 150 -31.20 -6.80 -2.53
C VAL B 150 -30.49 -5.47 -2.24
N GLU B 151 -29.80 -5.39 -1.10
CA GLU B 151 -29.28 -4.09 -0.65
C GLU B 151 -28.16 -4.20 0.38
N GLU B 152 -27.18 -3.29 0.26
CA GLU B 152 -25.97 -3.33 1.09
C GLU B 152 -26.26 -2.94 2.55
N VAL B 153 -25.87 -3.80 3.49
CA VAL B 153 -26.17 -3.61 4.91
C VAL B 153 -24.95 -3.37 5.82
N VAL B 154 -23.84 -4.05 5.54
CA VAL B 154 -22.56 -3.71 6.18
C VAL B 154 -21.53 -3.55 5.07
N SER B 155 -21.11 -2.31 4.84
CA SER B 155 -20.24 -1.99 3.71
C SER B 155 -18.77 -2.00 4.09
N THR B 156 -18.35 -0.94 4.76
CA THR B 156 -16.97 -0.78 5.16
C THR B 156 -16.75 -1.47 6.51
N GLY B 157 -15.60 -2.12 6.64
CA GLY B 157 -15.18 -2.71 7.91
C GLY B 157 -15.05 -4.22 7.92
N LEU B 158 -15.09 -4.85 6.74
CA LEU B 158 -15.10 -6.31 6.69
C LEU B 158 -13.94 -6.93 5.92
N GLU B 159 -13.60 -8.16 6.30
CA GLU B 159 -12.44 -8.84 5.73
C GLU B 159 -12.81 -10.29 5.43
N SER B 160 -13.20 -10.99 6.49
CA SER B 160 -13.72 -12.33 6.40
C SER B 160 -14.92 -12.39 7.34
N PRO B 161 -16.07 -11.83 6.90
CA PRO B 161 -17.30 -11.93 7.66
C PRO B 161 -17.83 -13.38 7.66
N GLY B 162 -17.26 -14.21 8.53
CA GLY B 162 -17.62 -15.62 8.67
C GLY B 162 -19.01 -15.83 9.24
N GLY B 163 -19.20 -15.48 10.51
CA GLY B 163 -20.49 -15.72 11.14
C GLY B 163 -21.52 -14.62 10.97
N LEU B 164 -22.79 -15.01 10.86
CA LEU B 164 -23.90 -14.08 10.70
C LEU B 164 -25.15 -14.72 11.27
N ALA B 165 -25.78 -14.02 12.22
CA ALA B 165 -26.98 -14.53 12.87
C ALA B 165 -27.98 -13.41 13.10
N VAL B 166 -29.26 -13.72 12.99
CA VAL B 166 -30.30 -12.71 13.21
C VAL B 166 -31.11 -13.01 14.47
N ASP B 167 -31.28 -11.95 15.28
CA ASP B 167 -32.02 -11.99 16.54
C ASP B 167 -33.41 -11.50 16.20
N TRP B 168 -34.26 -12.44 15.79
CA TRP B 168 -35.61 -12.14 15.29
C TRP B 168 -36.53 -11.57 16.35
N VAL B 169 -36.11 -11.64 17.60
CA VAL B 169 -36.93 -11.18 18.70
C VAL B 169 -36.71 -9.69 18.89
N HIS B 170 -35.44 -9.29 18.92
CA HIS B 170 -35.08 -7.89 19.19
C HIS B 170 -34.66 -7.15 17.95
N ASP B 171 -34.92 -7.76 16.79
CA ASP B 171 -34.60 -7.22 15.45
C ASP B 171 -33.16 -6.75 15.30
N LYS B 172 -32.22 -7.55 15.79
CA LYS B 172 -30.79 -7.26 15.65
C LYS B 172 -30.04 -8.27 14.79
N LEU B 173 -29.11 -7.74 14.01
CA LEU B 173 -28.20 -8.52 13.18
C LEU B 173 -26.83 -8.60 13.85
N TYR B 174 -26.37 -9.81 14.17
CA TYR B 174 -25.02 -10.01 14.70
C TYR B 174 -24.14 -10.78 13.71
N TRP B 175 -22.87 -10.38 13.61
CA TRP B 175 -21.86 -11.10 12.79
C TRP B 175 -20.49 -11.10 13.40
N THR B 176 -19.63 -11.98 12.89
CA THR B 176 -18.27 -12.12 13.35
C THR B 176 -17.39 -11.86 12.16
N ASP B 177 -16.18 -11.36 12.38
CA ASP B 177 -15.22 -11.23 11.28
C ASP B 177 -13.88 -11.76 11.77
N SER B 178 -13.46 -12.90 11.22
CA SER B 178 -12.22 -13.53 11.67
C SER B 178 -10.96 -12.85 11.15
N GLY B 179 -11.12 -11.88 10.24
CA GLY B 179 -10.02 -10.99 9.87
C GLY B 179 -9.94 -9.83 10.84
N THR B 180 -11.11 -9.33 11.24
CA THR B 180 -11.27 -8.21 12.17
C THR B 180 -11.04 -8.64 13.63
N SER B 181 -11.20 -9.94 13.90
CA SER B 181 -11.07 -10.53 15.23
C SER B 181 -12.08 -9.97 16.22
N ARG B 182 -13.31 -9.76 15.76
CA ARG B 182 -14.34 -9.06 16.54
C ARG B 182 -15.77 -9.48 16.15
N ILE B 183 -16.71 -9.41 17.11
CA ILE B 183 -18.15 -9.65 16.84
C ILE B 183 -18.88 -8.30 16.84
N GLU B 184 -19.85 -8.14 15.94
CA GLU B 184 -20.56 -6.87 15.83
C GLU B 184 -22.07 -7.02 15.67
N VAL B 185 -22.81 -5.95 16.04
CA VAL B 185 -24.28 -5.91 15.95
C VAL B 185 -24.78 -4.66 15.19
N ALA B 186 -26.11 -4.57 15.00
CA ALA B 186 -26.75 -3.55 14.16
C ALA B 186 -28.25 -3.77 13.99
N ASN B 187 -28.93 -2.71 13.53
CA ASN B 187 -30.31 -2.77 13.08
C ASN B 187 -30.39 -3.63 11.84
N LEU B 188 -31.60 -4.08 11.53
CA LEU B 188 -31.84 -4.91 10.35
C LEU B 188 -31.62 -4.13 9.07
N ASP B 189 -32.05 -2.87 9.10
CA ASP B 189 -31.80 -1.91 8.02
C ASP B 189 -30.30 -1.72 7.82
N GLY B 190 -29.51 -2.15 8.80
CA GLY B 190 -28.05 -2.11 8.71
C GLY B 190 -27.46 -0.92 9.42
N ALA B 191 -28.32 -0.10 10.01
CA ALA B 191 -27.90 1.10 10.73
C ALA B 191 -27.63 0.81 12.20
N HIS B 192 -27.44 1.87 12.97
CA HIS B 192 -27.15 1.82 14.41
C HIS B 192 -25.96 0.92 14.75
N ARG B 193 -25.04 0.76 13.78
CA ARG B 193 -23.94 -0.22 13.89
C ARG B 193 -22.97 -0.04 15.07
N LYS B 194 -22.66 -1.14 15.75
CA LYS B 194 -21.77 -1.14 16.92
C LYS B 194 -20.98 -2.44 17.08
N VAL B 195 -19.67 -2.31 17.28
CA VAL B 195 -18.82 -3.44 17.64
C VAL B 195 -19.19 -3.95 19.03
N LEU B 196 -19.05 -5.26 19.26
CA LEU B 196 -19.50 -5.87 20.52
C LEU B 196 -18.39 -6.51 21.36
N LEU B 197 -17.57 -7.34 20.71
CA LEU B 197 -16.43 -7.96 21.38
C LEU B 197 -15.19 -7.88 20.50
N TRP B 198 -14.04 -7.59 21.12
CA TRP B 198 -12.77 -7.40 20.42
C TRP B 198 -11.68 -7.96 21.29
N GLN B 199 -11.97 -7.99 22.59
CA GLN B 199 -11.14 -8.62 23.61
C GLN B 199 -10.89 -10.10 23.33
N SER B 200 -9.63 -10.53 23.49
CA SER B 200 -9.22 -11.94 23.36
C SER B 200 -9.49 -12.65 22.02
N LEU B 201 -10.43 -12.15 21.22
CA LEU B 201 -10.89 -12.88 20.03
C LEU B 201 -9.83 -13.09 18.95
N GLU B 202 -9.75 -14.33 18.47
CA GLU B 202 -8.77 -14.70 17.45
C GLU B 202 -9.48 -14.97 16.11
N LYS B 203 -9.95 -16.20 15.91
CA LYS B 203 -10.74 -16.57 14.72
C LYS B 203 -12.16 -17.03 15.10
N PRO B 204 -13.11 -16.08 15.25
CA PRO B 204 -14.49 -16.48 15.48
C PRO B 204 -15.13 -16.91 14.17
N ARG B 205 -15.94 -17.97 14.22
CA ARG B 205 -16.61 -18.45 13.03
C ARG B 205 -18.10 -18.44 13.25
N ALA B 206 -18.59 -19.47 13.93
CA ALA B 206 -20.02 -19.71 14.04
C ALA B 206 -20.60 -18.85 15.13
N ILE B 207 -21.83 -18.37 14.93
CA ILE B 207 -22.47 -17.54 15.94
C ILE B 207 -23.97 -17.88 16.09
N ALA B 208 -24.39 -18.12 17.32
CA ALA B 208 -25.76 -18.52 17.59
C ALA B 208 -26.39 -17.59 18.60
N LEU B 209 -27.70 -17.39 18.45
CA LEU B 209 -28.41 -16.49 19.33
C LEU B 209 -29.54 -17.22 20.06
N HIS B 210 -29.81 -16.78 21.27
CA HIS B 210 -30.94 -17.25 22.02
C HIS B 210 -31.64 -16.01 22.46
N PRO B 211 -32.57 -15.52 21.65
CA PRO B 211 -33.26 -14.28 21.94
C PRO B 211 -34.08 -14.37 23.23
N MET B 212 -34.68 -15.54 23.43
CA MET B 212 -35.43 -15.82 24.65
C MET B 212 -34.50 -15.77 25.84
N GLU B 213 -33.37 -16.47 25.74
CA GLU B 213 -32.39 -16.50 26.83
C GLU B 213 -31.48 -15.27 26.80
N GLY B 214 -31.68 -14.42 25.81
CA GLY B 214 -30.82 -13.25 25.61
C GLY B 214 -29.33 -13.57 25.61
N THR B 215 -28.95 -14.69 25.03
CA THR B 215 -27.53 -15.05 25.00
C THR B 215 -27.06 -15.18 23.56
N ILE B 216 -25.75 -15.15 23.38
CA ILE B 216 -25.11 -15.27 22.09
C ILE B 216 -24.08 -16.39 22.19
N TYR B 217 -23.85 -17.13 21.11
CA TYR B 217 -22.87 -18.22 21.13
C TYR B 217 -21.89 -18.14 19.97
N TRP B 218 -20.69 -18.68 20.15
CA TRP B 218 -19.73 -18.72 19.04
C TRP B 218 -18.60 -19.70 19.16
N THR B 219 -17.82 -19.79 18.08
CA THR B 219 -16.63 -20.64 18.04
C THR B 219 -15.41 -19.81 17.64
N ASP B 220 -14.30 -20.05 18.33
CA ASP B 220 -13.02 -19.42 18.00
C ASP B 220 -12.05 -20.52 17.67
N TRP B 221 -11.64 -20.59 16.39
CA TRP B 221 -10.70 -21.60 15.88
C TRP B 221 -9.29 -21.11 15.71
N GLY B 222 -8.95 -20.07 16.46
CA GLY B 222 -7.57 -19.61 16.58
C GLY B 222 -6.77 -20.50 17.52
N ASN B 223 -5.52 -20.14 17.72
CA ASN B 223 -4.61 -20.89 18.59
C ASN B 223 -5.18 -21.31 19.95
N THR B 224 -6.05 -20.50 20.57
CA THR B 224 -6.82 -21.00 21.71
C THR B 224 -8.20 -21.38 21.19
N PRO B 225 -8.44 -22.70 21.03
CA PRO B 225 -9.66 -23.18 20.38
C PRO B 225 -10.84 -23.17 21.35
N ARG B 226 -11.85 -22.38 21.04
CA ARG B 226 -12.88 -22.11 22.02
C ARG B 226 -14.27 -22.23 21.45
N ILE B 227 -15.20 -22.66 22.29
CA ILE B 227 -16.62 -22.41 22.09
C ILE B 227 -17.10 -21.59 23.27
N GLU B 228 -17.46 -20.35 22.98
CA GLU B 228 -17.85 -19.41 24.02
C GLU B 228 -19.29 -18.98 23.90
N ALA B 229 -19.82 -18.51 25.02
CA ALA B 229 -21.09 -17.82 25.05
C ALA B 229 -20.99 -16.59 25.94
N SER B 230 -21.74 -15.55 25.57
CA SER B 230 -21.94 -14.40 26.42
C SER B 230 -23.40 -13.94 26.28
N SER B 231 -23.82 -13.00 27.12
CA SER B 231 -25.15 -12.44 26.99
C SER B 231 -25.13 -11.43 25.84
N MET B 232 -26.29 -11.22 25.21
CA MET B 232 -26.38 -10.51 23.93
C MET B 232 -25.73 -9.13 23.85
N ASP B 233 -25.17 -8.67 24.96
CA ASP B 233 -24.52 -7.36 25.06
C ASP B 233 -23.01 -7.46 25.12
N GLY B 234 -22.49 -8.59 25.63
CA GLY B 234 -21.05 -8.74 25.86
C GLY B 234 -20.64 -9.08 27.29
N SER B 235 -21.60 -9.08 28.20
CA SER B 235 -21.35 -9.48 29.59
C SER B 235 -21.27 -10.98 29.68
N GLY B 236 -20.93 -11.48 30.87
CA GLY B 236 -20.87 -12.92 31.15
C GLY B 236 -20.15 -13.73 30.08
N ARG B 237 -18.95 -13.30 29.70
CA ARG B 237 -18.16 -14.04 28.72
C ARG B 237 -17.61 -15.32 29.33
N ARG B 238 -18.23 -16.45 28.96
CA ARG B 238 -17.87 -17.77 29.52
C ARG B 238 -17.34 -18.78 28.49
N ILE B 239 -16.54 -19.73 28.97
CA ILE B 239 -16.09 -20.88 28.19
C ILE B 239 -17.08 -22.05 28.29
N ILE B 240 -17.61 -22.44 27.13
CA ILE B 240 -18.56 -23.56 27.02
C ILE B 240 -17.79 -24.87 26.81
N ALA B 241 -16.71 -24.76 26.03
CA ALA B 241 -15.77 -25.84 25.83
C ALA B 241 -14.50 -25.21 25.32
N ASP B 242 -13.37 -25.64 25.86
CA ASP B 242 -12.07 -25.19 25.38
C ASP B 242 -11.14 -26.37 25.19
N THR B 243 -11.68 -27.55 25.50
CA THR B 243 -10.90 -28.78 25.49
C THR B 243 -11.27 -29.69 24.31
N HIS B 244 -10.27 -30.37 23.74
CA HIS B 244 -10.47 -31.25 22.59
C HIS B 244 -11.12 -30.52 21.43
N LEU B 245 -10.72 -29.27 21.22
CA LEU B 245 -11.17 -28.51 20.05
C LEU B 245 -9.98 -28.12 19.17
N PHE B 246 -10.25 -27.83 17.91
CA PHE B 246 -9.22 -27.32 17.04
C PHE B 246 -9.80 -26.52 15.89
N TRP B 247 -10.85 -27.06 15.29
CA TRP B 247 -11.54 -26.43 14.17
C TRP B 247 -13.04 -26.46 14.38
N PRO B 248 -13.54 -25.67 15.33
CA PRO B 248 -15.00 -25.63 15.52
C PRO B 248 -15.73 -24.73 14.51
N ASN B 249 -16.08 -25.30 13.37
CA ASN B 249 -16.66 -24.53 12.28
C ASN B 249 -18.16 -24.23 12.41
N GLY B 250 -18.91 -25.15 13.03
CA GLY B 250 -20.36 -25.02 13.13
C GLY B 250 -20.88 -25.01 14.56
N LEU B 251 -22.12 -24.57 14.72
CA LEU B 251 -22.74 -24.43 16.05
C LEU B 251 -24.22 -24.08 15.87
N THR B 252 -25.11 -24.80 16.54
CA THR B 252 -26.54 -24.51 16.41
C THR B 252 -27.26 -24.76 17.73
N ILE B 253 -28.33 -24.01 18.01
CA ILE B 253 -29.12 -24.28 19.22
C ILE B 253 -30.38 -25.05 18.86
N ASP B 254 -30.67 -26.08 19.65
CA ASP B 254 -31.91 -26.81 19.53
C ASP B 254 -32.77 -26.45 20.73
N TYR B 255 -33.46 -25.31 20.64
CA TYR B 255 -34.27 -24.78 21.75
C TYR B 255 -35.17 -25.87 22.31
N ALA B 256 -36.10 -26.34 21.48
CA ALA B 256 -37.03 -27.41 21.85
C ALA B 256 -36.39 -28.66 22.51
N GLY B 257 -35.07 -28.76 22.44
CA GLY B 257 -34.33 -29.82 23.10
C GLY B 257 -33.48 -29.27 24.24
N ARG B 258 -33.37 -27.94 24.29
CA ARG B 258 -32.61 -27.23 25.32
C ARG B 258 -31.15 -27.69 25.31
N ARG B 259 -30.59 -27.79 24.11
CA ARG B 259 -29.21 -28.21 23.91
C ARG B 259 -28.50 -27.48 22.76
N MET B 260 -27.17 -27.51 22.79
CA MET B 260 -26.38 -26.93 21.71
C MET B 260 -25.51 -27.98 21.04
N TYR B 261 -25.47 -27.91 19.72
CA TYR B 261 -24.63 -28.80 18.92
C TYR B 261 -23.56 -27.97 18.21
N TRP B 262 -22.36 -28.52 18.11
CA TRP B 262 -21.29 -27.91 17.33
C TRP B 262 -20.50 -28.93 16.54
N VAL B 263 -19.57 -28.45 15.71
CA VAL B 263 -18.86 -29.27 14.72
C VAL B 263 -17.35 -29.00 14.73
N ASP B 264 -16.52 -30.04 14.86
CA ASP B 264 -15.06 -29.87 14.77
C ASP B 264 -14.41 -30.51 13.53
N ALA B 265 -13.88 -29.66 12.66
CA ALA B 265 -13.40 -30.11 11.35
C ALA B 265 -12.02 -30.74 11.44
N LYS B 266 -11.35 -30.53 12.57
CA LYS B 266 -10.10 -31.22 12.80
C LYS B 266 -10.34 -32.54 13.52
N HIS B 267 -11.25 -32.52 14.48
CA HIS B 267 -11.51 -33.68 15.34
C HIS B 267 -12.48 -34.67 14.80
N HIS B 268 -13.19 -34.30 13.73
CA HIS B 268 -14.20 -35.14 13.05
C HIS B 268 -15.33 -35.54 13.95
N VAL B 269 -15.87 -34.56 14.67
CA VAL B 269 -17.00 -34.77 15.57
C VAL B 269 -18.14 -33.74 15.41
N ILE B 270 -19.39 -34.20 15.57
CA ILE B 270 -20.50 -33.31 15.90
C ILE B 270 -20.76 -33.57 17.37
N GLU B 271 -20.60 -32.50 18.17
CA GLU B 271 -20.76 -32.55 19.62
C GLU B 271 -22.04 -31.91 20.15
N ARG B 272 -22.59 -32.52 21.19
CA ARG B 272 -23.74 -31.98 21.87
C ARG B 272 -23.36 -31.69 23.29
N ALA B 273 -23.79 -30.52 23.76
CA ALA B 273 -23.49 -30.09 25.10
C ALA B 273 -24.69 -29.31 25.61
N ASN B 274 -24.94 -29.42 26.92
CA ASN B 274 -25.87 -28.51 27.56
C ASN B 274 -25.39 -27.08 27.37
N LEU B 275 -26.32 -26.14 27.44
CA LEU B 275 -26.05 -24.73 27.14
C LEU B 275 -24.97 -24.11 28.04
N ASP B 276 -24.78 -24.70 29.22
CA ASP B 276 -23.67 -24.37 30.09
C ASP B 276 -22.43 -25.18 29.72
N GLY B 277 -22.53 -25.99 28.67
CA GLY B 277 -21.39 -26.76 28.17
C GLY B 277 -21.06 -28.01 28.96
N SER B 278 -21.84 -28.25 30.01
CA SER B 278 -21.73 -29.49 30.78
C SER B 278 -22.53 -30.58 30.09
N HIS B 279 -22.19 -31.83 30.39
CA HIS B 279 -22.77 -33.00 29.72
C HIS B 279 -22.49 -32.87 28.26
N ARG B 280 -21.21 -32.97 27.91
CA ARG B 280 -20.78 -32.88 26.54
C ARG B 280 -20.42 -34.25 26.03
N LYS B 281 -21.18 -34.67 25.02
CA LYS B 281 -21.02 -35.96 24.40
C LYS B 281 -20.86 -35.63 22.92
N ALA B 282 -19.99 -36.39 22.25
CA ALA B 282 -19.92 -36.33 20.80
C ALA B 282 -21.04 -37.21 20.28
N VAL B 283 -21.78 -36.74 19.30
CA VAL B 283 -22.86 -37.57 18.80
C VAL B 283 -22.42 -38.38 17.59
N ILE B 284 -21.81 -37.70 16.61
CA ILE B 284 -21.29 -38.37 15.43
C ILE B 284 -19.77 -38.21 15.39
N SER B 285 -19.08 -39.27 15.01
CA SER B 285 -17.63 -39.31 15.12
C SER B 285 -16.96 -39.87 13.88
N GLN B 286 -17.76 -40.06 12.82
CA GLN B 286 -17.35 -40.62 11.52
C GLN B 286 -18.10 -39.92 10.37
N GLY B 287 -17.61 -40.06 9.15
CA GLY B 287 -18.26 -39.45 7.98
C GLY B 287 -18.14 -37.93 7.98
N LEU B 288 -17.06 -37.44 8.56
CA LEU B 288 -16.88 -36.00 8.77
C LEU B 288 -15.52 -35.51 8.26
N PRO B 289 -15.20 -35.79 7.00
CA PRO B 289 -13.85 -35.46 6.57
C PRO B 289 -13.54 -33.98 6.79
N HIS B 290 -14.51 -33.13 6.49
CA HIS B 290 -14.31 -31.72 6.69
C HIS B 290 -15.64 -31.03 6.76
N PRO B 291 -16.30 -31.06 7.94
CA PRO B 291 -17.56 -30.33 8.05
C PRO B 291 -17.35 -28.84 8.35
N PHE B 292 -18.26 -28.00 7.84
CA PHE B 292 -18.15 -26.56 7.98
C PHE B 292 -19.30 -25.90 8.72
N ALA B 293 -20.53 -26.16 8.31
CA ALA B 293 -21.67 -25.50 8.95
C ALA B 293 -22.70 -26.56 9.36
N ILE B 294 -23.44 -26.28 10.43
CA ILE B 294 -24.46 -27.20 10.93
C ILE B 294 -25.77 -26.50 11.31
N THR B 295 -26.87 -27.27 11.33
CA THR B 295 -28.18 -26.79 11.80
C THR B 295 -28.98 -27.99 12.36
N VAL B 296 -29.70 -27.80 13.47
CA VAL B 296 -30.66 -28.84 13.92
C VAL B 296 -32.02 -28.56 13.38
N PHE B 297 -32.77 -29.65 13.23
CA PHE B 297 -34.21 -29.55 13.17
C PHE B 297 -34.86 -30.84 13.64
N GLU B 298 -35.96 -30.71 14.35
CA GLU B 298 -36.61 -31.88 14.93
C GLU B 298 -35.61 -32.88 15.53
N ASP B 299 -35.38 -34.00 14.86
CA ASP B 299 -34.49 -35.03 15.42
C ASP B 299 -33.17 -35.10 14.63
N SER B 300 -33.09 -34.29 13.58
CA SER B 300 -31.99 -34.37 12.64
C SER B 300 -30.98 -33.24 12.68
N LEU B 301 -29.78 -33.58 12.26
CA LEU B 301 -28.70 -32.64 12.18
C LEU B 301 -28.33 -32.47 10.73
N TYR B 302 -28.21 -31.22 10.28
CA TYR B 302 -27.81 -30.93 8.89
C TYR B 302 -26.53 -30.15 8.87
N TRP B 303 -25.61 -30.59 8.03
CA TRP B 303 -24.35 -29.91 7.90
C TRP B 303 -23.74 -29.96 6.55
N THR B 304 -22.94 -28.93 6.30
CA THR B 304 -22.21 -28.83 5.05
C THR B 304 -20.83 -29.39 5.31
N ASP B 305 -20.26 -30.02 4.27
CA ASP B 305 -18.93 -30.64 4.35
C ASP B 305 -18.14 -30.31 3.11
N TRP B 306 -17.01 -29.62 3.27
CA TRP B 306 -16.20 -29.21 2.13
C TRP B 306 -15.52 -30.31 1.41
N HIS B 307 -15.29 -31.44 2.06
CA HIS B 307 -14.62 -32.50 1.32
C HIS B 307 -15.59 -33.23 0.45
N THR B 308 -16.68 -33.66 1.06
CA THR B 308 -17.69 -34.37 0.31
C THR B 308 -18.53 -33.40 -0.53
N LYS B 309 -18.20 -32.11 -0.47
CA LYS B 309 -18.91 -31.04 -1.17
C LYS B 309 -20.42 -31.24 -1.18
N SER B 310 -21.01 -31.33 0.00
CA SER B 310 -22.37 -31.85 0.15
C SER B 310 -23.09 -31.45 1.44
N ILE B 311 -24.42 -31.62 1.45
CA ILE B 311 -25.21 -31.43 2.66
C ILE B 311 -25.54 -32.79 3.25
N ASN B 312 -24.99 -33.07 4.42
CA ASN B 312 -25.19 -34.37 5.05
C ASN B 312 -26.18 -34.24 6.21
N SER B 313 -26.98 -35.27 6.45
CA SER B 313 -27.84 -35.33 7.64
C SER B 313 -27.51 -36.54 8.52
N ALA B 314 -28.08 -36.58 9.72
CA ALA B 314 -27.89 -37.68 10.68
C ALA B 314 -28.74 -37.46 11.96
N ASN B 315 -28.89 -38.52 12.76
CA ASN B 315 -29.73 -38.44 13.96
C ASN B 315 -29.08 -37.78 15.20
N LYS B 316 -29.75 -36.73 15.70
CA LYS B 316 -29.30 -35.96 16.87
C LYS B 316 -28.78 -36.76 18.03
N PHE B 317 -29.45 -37.86 18.36
CA PHE B 317 -29.13 -38.62 19.55
C PHE B 317 -28.19 -39.75 19.21
N THR B 318 -28.53 -40.49 18.17
CA THR B 318 -27.80 -41.68 17.81
C THR B 318 -26.57 -41.39 17.00
N GLY B 319 -26.75 -40.61 15.94
CA GLY B 319 -25.74 -40.43 14.91
C GLY B 319 -25.93 -41.47 13.83
N LYS B 320 -26.97 -42.30 14.00
CA LYS B 320 -27.47 -43.18 12.95
C LYS B 320 -28.16 -42.37 11.84
N ASN B 321 -28.67 -43.08 10.83
CA ASN B 321 -29.31 -42.49 9.64
C ASN B 321 -28.54 -41.36 9.01
N GLN B 322 -27.26 -41.61 8.77
CA GLN B 322 -26.39 -40.66 8.10
C GLN B 322 -26.85 -40.55 6.65
N GLU B 323 -27.11 -39.33 6.19
CA GLU B 323 -27.60 -39.14 4.82
C GLU B 323 -26.93 -38.00 4.04
N ILE B 324 -26.79 -38.19 2.73
CA ILE B 324 -26.35 -37.11 1.87
C ILE B 324 -27.55 -36.48 1.19
N ILE B 325 -28.08 -35.49 1.86
CA ILE B 325 -29.23 -34.75 1.40
C ILE B 325 -28.95 -34.17 0.03
N ARG B 326 -27.68 -33.91 -0.27
CA ARG B 326 -27.35 -33.41 -1.59
C ARG B 326 -25.87 -33.45 -1.88
N ASN B 327 -25.54 -34.06 -3.02
CA ASN B 327 -24.17 -34.18 -3.53
C ASN B 327 -23.92 -33.20 -4.68
N LYS B 328 -22.65 -33.01 -5.04
CA LYS B 328 -22.27 -32.30 -6.27
C LYS B 328 -22.39 -30.77 -6.16
N LEU B 329 -22.39 -30.26 -4.93
CA LEU B 329 -22.54 -28.82 -4.71
C LEU B 329 -21.28 -28.06 -5.06
N HIS B 330 -21.43 -26.78 -5.42
CA HIS B 330 -20.26 -25.94 -5.68
C HIS B 330 -19.35 -25.90 -4.49
N PHE B 331 -19.82 -25.27 -3.41
CA PHE B 331 -19.07 -25.19 -2.17
C PHE B 331 -20.01 -24.89 -0.99
N PRO B 332 -20.57 -25.95 -0.40
CA PRO B 332 -21.52 -25.74 0.66
C PRO B 332 -20.92 -24.84 1.76
N MET B 333 -21.66 -23.82 2.19
CA MET B 333 -21.18 -22.96 3.26
C MET B 333 -22.09 -22.99 4.48
N ASP B 334 -22.69 -21.86 4.81
CA ASP B 334 -23.58 -21.76 5.94
C ASP B 334 -24.89 -22.47 5.59
N ILE B 335 -25.51 -23.08 6.58
CA ILE B 335 -26.78 -23.76 6.35
C ILE B 335 -27.71 -23.46 7.52
N HIS B 336 -29.00 -23.42 7.24
CA HIS B 336 -30.00 -23.25 8.29
C HIS B 336 -31.20 -24.06 7.96
N THR B 337 -32.04 -24.28 8.96
CA THR B 337 -33.35 -24.83 8.69
C THR B 337 -34.25 -23.63 8.56
N LEU B 338 -34.97 -23.55 7.44
CA LEU B 338 -35.92 -22.48 7.25
C LEU B 338 -37.32 -22.95 7.65
N HIS B 339 -37.76 -22.41 8.78
CA HIS B 339 -38.99 -22.84 9.43
C HIS B 339 -39.35 -21.95 10.60
N PRO B 340 -40.65 -21.74 10.83
CA PRO B 340 -41.17 -20.95 11.95
C PRO B 340 -40.57 -21.34 13.28
N GLN B 341 -40.64 -22.62 13.63
CA GLN B 341 -40.19 -23.09 14.94
C GLN B 341 -38.69 -22.94 15.12
N ARG B 342 -37.96 -22.71 14.03
CA ARG B 342 -36.57 -22.29 14.11
C ARG B 342 -36.42 -20.84 14.60
N GLN B 343 -37.49 -20.08 14.55
CA GLN B 343 -37.45 -18.74 15.15
C GLN B 343 -38.54 -18.56 16.19
N PRO B 344 -38.49 -19.41 17.24
CA PRO B 344 -39.51 -19.49 18.28
C PRO B 344 -39.79 -18.14 18.88
N ALA B 345 -41.02 -17.92 19.31
CA ALA B 345 -41.40 -16.65 19.90
C ALA B 345 -40.67 -16.41 21.23
N GLY B 346 -40.42 -15.13 21.51
CA GLY B 346 -39.81 -14.71 22.77
C GLY B 346 -40.09 -13.25 23.07
N LYS B 347 -40.25 -12.94 24.35
CA LYS B 347 -40.54 -11.57 24.80
C LYS B 347 -39.45 -10.61 24.41
N ASN B 348 -39.87 -9.55 23.73
CA ASN B 348 -39.01 -8.43 23.44
C ASN B 348 -38.63 -7.80 24.78
N ARG B 349 -37.33 -7.72 25.06
CA ARG B 349 -36.85 -7.05 26.28
C ARG B 349 -37.10 -5.53 26.26
N CYS B 350 -37.41 -5.00 25.08
CA CYS B 350 -37.62 -3.56 24.90
C CYS B 350 -39.01 -3.25 24.34
N GLY B 351 -39.97 -4.15 24.60
CA GLY B 351 -41.23 -4.24 23.84
C GLY B 351 -42.12 -3.02 23.67
N ASP B 352 -43.35 -3.15 24.17
CA ASP B 352 -44.33 -2.06 24.19
C ASP B 352 -43.75 -0.85 24.95
N ASN B 353 -42.56 -0.43 24.55
CA ASN B 353 -41.72 0.41 25.39
C ASN B 353 -40.61 1.16 24.64
N ASN B 354 -39.71 1.72 25.45
CA ASN B 354 -38.50 2.37 25.00
C ASN B 354 -37.69 1.43 24.12
N GLY B 355 -38.11 1.35 22.86
CA GLY B 355 -37.44 0.51 21.89
C GLY B 355 -36.03 0.99 21.61
N GLY B 356 -35.18 0.89 22.63
CA GLY B 356 -33.77 1.18 22.46
C GLY B 356 -33.29 2.52 22.96
N CYS B 357 -33.58 2.85 24.21
CA CYS B 357 -32.98 4.02 24.87
C CYS B 357 -33.06 5.22 23.91
N THR B 358 -31.95 5.60 23.28
CA THR B 358 -32.01 6.62 22.22
C THR B 358 -31.95 5.93 20.87
N HIS B 359 -31.19 4.86 20.83
CA HIS B 359 -30.90 4.19 19.57
C HIS B 359 -31.21 2.71 19.57
N LEU B 360 -30.36 1.90 20.19
CA LEU B 360 -30.64 0.45 20.28
C LEU B 360 -30.32 -0.16 21.63
N CYS B 361 -31.28 -0.93 22.16
CA CYS B 361 -31.07 -1.65 23.42
C CYS B 361 -30.67 -3.10 23.20
N LEU B 362 -29.92 -3.62 24.16
CA LEU B 362 -29.36 -4.97 24.06
C LEU B 362 -29.80 -5.86 25.19
N PRO B 363 -30.68 -6.83 24.87
CA PRO B 363 -31.11 -7.78 25.89
C PRO B 363 -29.89 -8.35 26.60
N SER B 364 -29.63 -7.83 27.80
CA SER B 364 -28.65 -8.40 28.71
C SER B 364 -29.40 -8.98 29.89
N GLY B 365 -28.86 -10.05 30.46
CA GLY B 365 -29.51 -10.76 31.57
C GLY B 365 -31.01 -10.86 31.39
N GLN B 366 -31.73 -9.98 32.09
CA GLN B 366 -33.15 -9.78 31.87
C GLN B 366 -33.26 -8.31 31.50
N ASN B 367 -33.01 -7.47 32.51
CA ASN B 367 -32.90 -6.03 32.37
C ASN B 367 -32.02 -5.78 31.14
N TYR B 368 -32.66 -5.47 30.01
CA TYR B 368 -31.94 -5.08 28.80
C TYR B 368 -31.04 -3.91 29.15
N THR B 369 -29.79 -3.92 28.70
CA THR B 369 -28.91 -2.75 28.92
C THR B 369 -28.87 -1.88 27.69
N CYS B 370 -28.65 -0.59 27.89
CA CYS B 370 -28.58 0.36 26.79
C CYS B 370 -27.23 0.36 26.10
N ALA B 371 -27.24 0.78 24.83
CA ALA B 371 -26.09 0.54 23.97
C ALA B 371 -25.86 1.65 22.95
N CYS B 372 -24.60 2.09 22.87
CA CYS B 372 -24.21 3.18 21.99
C CYS B 372 -23.29 2.72 20.86
N PRO B 373 -23.59 3.13 19.61
CA PRO B 373 -22.80 2.92 18.38
C PRO B 373 -21.31 3.26 18.48
N THR B 374 -20.55 2.94 17.43
CA THR B 374 -19.11 3.24 17.40
C THR B 374 -18.89 4.73 17.13
N GLY B 375 -18.28 5.41 18.11
CA GLY B 375 -18.12 6.86 18.08
C GLY B 375 -18.97 7.55 19.14
N PHE B 376 -20.02 6.85 19.59
CA PHE B 376 -21.00 7.41 20.53
C PHE B 376 -20.65 7.14 22.01
N ARG B 377 -21.21 7.96 22.90
CA ARG B 377 -20.99 7.85 24.36
C ARG B 377 -22.33 7.72 25.12
N LYS B 378 -22.34 6.88 26.16
CA LYS B 378 -23.58 6.54 26.89
C LYS B 378 -24.37 7.72 27.50
N ILE B 379 -23.96 8.21 28.66
CA ILE B 379 -24.64 9.30 29.37
C ILE B 379 -25.84 8.84 30.22
N ASN B 380 -26.20 7.56 30.11
CA ASN B 380 -27.28 6.96 30.92
C ASN B 380 -27.84 5.67 30.30
N SER B 381 -28.68 4.96 31.08
CA SER B 381 -29.42 3.79 30.58
C SER B 381 -30.82 4.20 30.09
N HIS B 382 -30.91 5.38 29.47
CA HIS B 382 -32.08 5.85 28.74
C HIS B 382 -31.55 6.57 27.54
N ALA B 383 -30.26 6.94 27.64
CA ALA B 383 -29.67 7.95 26.78
C ALA B 383 -28.43 7.47 26.05
N CYS B 384 -28.39 7.78 24.75
CA CYS B 384 -27.21 7.63 23.91
C CYS B 384 -26.92 8.97 23.25
N ALA B 385 -25.62 9.27 23.07
CA ALA B 385 -25.19 10.48 22.39
C ALA B 385 -23.74 10.38 21.95
N GLN B 386 -23.48 10.79 20.71
CA GLN B 386 -22.13 10.79 20.12
C GLN B 386 -21.02 11.12 21.12
N CYS C 6 46.99 55.00 -48.74
CA CYS C 6 47.36 54.30 -47.49
C CYS C 6 48.86 54.39 -47.19
N ASN C 7 49.21 54.15 -45.93
CA ASN C 7 50.55 54.40 -45.36
C ASN C 7 51.05 55.81 -45.69
N VAL C 8 50.14 56.75 -45.52
CA VAL C 8 50.28 58.17 -45.83
C VAL C 8 48.83 58.66 -45.84
N ASN C 9 47.97 57.91 -46.54
CA ASN C 9 46.52 58.13 -46.60
C ASN C 9 45.76 57.35 -45.49
N ASN C 10 46.41 56.34 -44.91
CA ASN C 10 45.96 55.79 -43.64
C ASN C 10 46.54 56.63 -42.52
N GLY C 11 47.23 57.72 -42.89
CA GLY C 11 47.61 58.76 -41.94
C GLY C 11 46.40 59.12 -41.09
N GLY C 12 45.21 59.00 -41.70
CA GLY C 12 43.92 59.19 -41.02
C GLY C 12 42.69 58.58 -41.71
N CYS C 13 42.74 57.27 -41.98
CA CYS C 13 41.61 56.54 -42.56
C CYS C 13 40.97 55.57 -41.54
N ALA C 14 40.78 56.06 -40.32
CA ALA C 14 40.12 55.31 -39.25
C ALA C 14 40.93 54.11 -38.81
N GLN C 15 40.60 52.96 -39.37
CA GLN C 15 41.22 51.72 -38.94
C GLN C 15 41.89 50.98 -40.10
N LYS C 16 41.10 50.20 -40.84
CA LYS C 16 41.58 49.31 -41.88
C LYS C 16 41.54 49.95 -43.28
N CYS C 17 42.67 50.49 -43.72
CA CYS C 17 42.76 51.14 -45.04
C CYS C 17 43.33 50.19 -46.08
N GLN C 18 42.73 50.23 -47.27
CA GLN C 18 43.24 49.53 -48.43
C GLN C 18 43.28 50.52 -49.58
N MET C 19 44.42 51.18 -49.80
CA MET C 19 44.49 52.03 -50.99
C MET C 19 44.50 51.13 -52.20
N ILE C 20 43.63 50.13 -52.14
CA ILE C 20 43.33 49.28 -53.27
C ILE C 20 42.01 49.78 -53.84
N ARG C 21 41.17 48.88 -54.33
CA ARG C 21 39.94 49.27 -55.00
C ARG C 21 40.29 50.11 -56.24
N GLY C 22 40.57 51.39 -56.02
CA GLY C 22 40.96 52.29 -57.10
C GLY C 22 41.75 53.49 -56.60
N ALA C 23 41.64 53.76 -55.30
CA ALA C 23 42.33 54.88 -54.65
C ALA C 23 41.62 55.25 -53.35
N VAL C 24 42.11 54.70 -52.25
CA VAL C 24 41.60 54.95 -50.90
C VAL C 24 40.15 54.47 -50.66
N GLN C 25 40.02 53.45 -49.81
CA GLN C 25 38.73 52.98 -49.33
C GLN C 25 38.92 52.42 -47.92
N CYS C 26 38.07 52.86 -46.98
CA CYS C 26 38.25 52.51 -45.58
C CYS C 26 37.29 51.46 -45.09
N THR C 27 37.75 50.71 -44.10
CA THR C 27 36.95 49.69 -43.45
C THR C 27 37.40 49.59 -42.00
N CYS C 28 36.74 48.73 -41.23
CA CYS C 28 37.04 48.61 -39.82
C CYS C 28 37.38 47.17 -39.47
N HIS C 29 38.06 47.01 -38.34
CA HIS C 29 38.21 45.71 -37.74
C HIS C 29 36.83 45.24 -37.44
N THR C 30 36.61 43.95 -37.67
CA THR C 30 35.26 43.41 -37.88
C THR C 30 34.39 43.32 -36.60
N GLY C 31 34.36 44.42 -35.84
CA GLY C 31 33.56 44.54 -34.62
C GLY C 31 33.17 45.98 -34.39
N TYR C 32 34.00 46.91 -34.87
CA TYR C 32 33.80 48.36 -34.75
C TYR C 32 32.90 48.86 -35.88
N ARG C 33 32.30 47.91 -36.59
CA ARG C 33 31.79 48.04 -37.97
C ARG C 33 31.28 49.40 -38.49
N LEU C 34 30.88 50.32 -37.61
CA LEU C 34 30.24 51.58 -38.04
C LEU C 34 31.08 52.43 -39.01
N THR C 35 30.38 53.07 -39.96
CA THR C 35 31.02 53.83 -41.06
C THR C 35 30.50 55.25 -41.35
N GLU C 36 29.69 55.80 -40.46
CA GLU C 36 29.21 57.20 -40.56
C GLU C 36 29.44 57.91 -41.89
N ASP C 37 30.59 58.58 -42.03
CA ASP C 37 30.92 59.32 -43.26
C ASP C 37 32.40 59.25 -43.68
N GLY C 38 32.85 58.12 -44.22
CA GLY C 38 34.21 58.03 -44.76
C GLY C 38 35.36 57.53 -43.89
N ARG C 39 36.03 58.47 -43.22
CA ARG C 39 37.32 58.21 -42.56
C ARG C 39 37.21 57.70 -41.12
N THR C 40 35.98 57.46 -40.65
CA THR C 40 35.73 57.21 -39.23
C THR C 40 34.92 55.94 -38.90
N CYS C 41 35.09 55.44 -37.67
CA CYS C 41 34.69 54.09 -37.28
C CYS C 41 34.38 53.96 -35.85
N GLN C 42 33.11 53.76 -35.57
CA GLN C 42 32.67 53.77 -34.21
C GLN C 42 32.62 52.39 -33.63
N ASP C 43 31.54 52.10 -32.92
CA ASP C 43 31.46 50.87 -32.14
C ASP C 43 30.13 50.14 -32.31
N VAL C 44 30.15 48.83 -32.12
CA VAL C 44 28.95 47.99 -32.28
C VAL C 44 28.61 47.20 -31.01
N ASN C 45 27.42 47.46 -30.47
CA ASN C 45 26.92 46.79 -29.28
C ASN C 45 25.49 46.29 -29.45
N GLU C 46 24.52 47.19 -29.19
CA GLU C 46 23.08 46.87 -29.09
C GLU C 46 22.82 45.95 -27.90
N CYS C 47 23.32 44.71 -28.03
CA CYS C 47 23.37 43.67 -26.98
C CYS C 47 23.11 42.31 -27.65
N ALA C 48 22.08 41.58 -27.18
CA ALA C 48 21.73 40.24 -27.70
C ALA C 48 22.84 39.20 -27.48
N GLU C 49 23.93 39.31 -28.24
CA GLU C 49 25.11 38.45 -28.08
C GLU C 49 25.90 38.83 -26.82
N GLU C 50 25.81 37.97 -25.81
CA GLU C 50 26.56 38.10 -24.55
C GLU C 50 26.27 39.39 -23.76
N GLY C 51 27.31 40.20 -23.57
CA GLY C 51 27.20 41.47 -22.86
C GLY C 51 26.60 41.40 -21.47
N TYR C 52 26.96 40.36 -20.72
CA TYR C 52 26.36 40.14 -19.41
C TYR C 52 26.88 41.03 -18.29
N CYS C 53 26.34 42.23 -18.24
CA CYS C 53 26.53 43.13 -17.10
C CYS C 53 25.29 42.98 -16.25
N SER C 54 25.46 42.90 -14.93
CA SER C 54 24.34 42.66 -14.02
C SER C 54 22.99 42.55 -14.74
N GLN C 55 22.52 43.66 -15.29
CA GLN C 55 21.23 43.68 -15.97
C GLN C 55 21.35 43.61 -17.50
N GLY C 56 21.78 44.69 -18.12
CA GLY C 56 21.92 44.73 -19.57
C GLY C 56 22.29 46.09 -20.13
N CYS C 57 22.66 46.09 -21.42
CA CYS C 57 23.11 47.30 -22.09
C CYS C 57 22.04 47.85 -23.04
N THR C 58 22.32 49.00 -23.64
CA THR C 58 21.38 49.63 -24.56
C THR C 58 22.11 50.45 -25.63
N ASN C 59 22.02 51.78 -25.52
CA ASN C 59 22.62 52.68 -26.49
C ASN C 59 23.40 53.82 -25.80
N PHE C 64 26.70 54.02 -23.30
CA PHE C 64 26.61 52.61 -22.93
C PHE C 64 26.08 52.43 -21.51
N GLN C 65 25.13 51.50 -21.35
CA GLN C 65 24.34 51.41 -20.11
C GLN C 65 24.59 50.16 -19.27
N CYS C 66 24.72 50.38 -17.97
CA CYS C 66 24.65 49.31 -16.98
C CYS C 66 23.77 49.73 -15.81
N TRP C 67 22.46 49.69 -16.00
CA TRP C 67 21.51 50.18 -15.00
C TRP C 67 20.84 49.05 -14.22
N CYS C 68 20.94 49.12 -12.90
CA CYS C 68 20.31 48.14 -12.01
C CYS C 68 18.79 48.27 -12.11
N GLU C 69 18.10 47.13 -12.01
CA GLU C 69 16.65 47.07 -12.21
C GLU C 69 15.83 47.50 -11.00
N ALA C 70 14.51 47.36 -11.10
CA ALA C 70 13.65 47.79 -10.00
C ALA C 70 13.90 46.91 -8.79
N GLY C 71 14.44 47.54 -7.75
CA GLY C 71 14.96 46.83 -6.59
C GLY C 71 16.46 46.58 -6.53
N TYR C 72 17.25 47.23 -7.39
CA TYR C 72 18.72 47.10 -7.33
C TYR C 72 19.45 48.45 -7.45
N GLU C 73 20.63 48.54 -6.85
CA GLU C 73 21.44 49.76 -6.89
C GLU C 73 22.77 49.54 -7.60
N LEU C 74 23.08 50.41 -8.57
CA LEU C 74 24.36 50.35 -9.25
C LEU C 74 25.47 50.41 -8.20
N ARG C 75 26.14 49.29 -7.99
CA ARG C 75 27.19 49.24 -6.98
C ARG C 75 28.49 49.93 -7.46
N PRO C 76 29.47 50.12 -6.56
CA PRO C 76 30.64 50.96 -6.89
C PRO C 76 31.50 50.45 -8.04
N ASP C 77 31.07 49.37 -8.69
CA ASP C 77 31.70 48.90 -9.91
C ASP C 77 30.81 49.14 -11.14
N ARG C 78 29.75 49.93 -10.96
CA ARG C 78 28.80 50.33 -12.02
C ARG C 78 28.43 49.18 -13.00
N ARG C 79 28.59 47.95 -12.51
CA ARG C 79 28.17 46.74 -13.20
C ARG C 79 27.12 46.01 -12.35
N SER C 80 27.59 45.11 -11.48
CA SER C 80 26.75 44.29 -10.60
C SER C 80 25.84 45.07 -9.67
N CYS C 81 24.74 44.43 -9.27
CA CYS C 81 23.74 45.04 -8.39
C CYS C 81 23.71 44.40 -7.00
N LYS C 82 23.28 45.18 -6.02
CA LYS C 82 22.84 44.63 -4.74
C LYS C 82 21.34 44.81 -4.67
N ALA C 83 20.64 43.75 -4.29
CA ALA C 83 19.19 43.77 -4.17
C ALA C 83 18.75 44.71 -3.07
N LEU C 84 17.82 45.60 -3.39
CA LEU C 84 17.31 46.54 -2.41
C LEU C 84 16.39 45.79 -1.46
N GLY C 85 16.63 46.00 -0.17
CA GLY C 85 16.00 45.24 0.89
C GLY C 85 17.09 44.70 1.80
N PRO C 86 16.73 43.80 2.73
CA PRO C 86 17.73 43.18 3.61
C PRO C 86 18.71 42.32 2.84
N GLU C 87 19.80 41.93 3.48
CA GLU C 87 20.68 40.95 2.87
C GLU C 87 20.00 39.59 2.90
N PRO C 88 19.84 38.97 1.72
CA PRO C 88 19.10 37.74 1.51
C PRO C 88 19.77 36.51 2.13
N VAL C 89 18.95 35.51 2.43
CA VAL C 89 19.45 34.32 3.07
C VAL C 89 19.05 33.10 2.26
N LEU C 90 19.87 32.06 2.34
CA LEU C 90 19.50 30.76 1.79
C LEU C 90 18.76 29.97 2.83
N LEU C 91 17.55 29.56 2.51
CA LEU C 91 16.82 28.68 3.36
C LEU C 91 16.80 27.34 2.64
N PHE C 92 17.04 26.27 3.37
CA PHE C 92 17.10 24.96 2.74
C PHE C 92 16.63 23.88 3.70
N ALA C 93 16.03 22.84 3.15
CA ALA C 93 15.57 21.73 3.97
C ALA C 93 16.67 20.71 4.07
N ASN C 94 16.88 20.20 5.28
CA ASN C 94 18.03 19.35 5.57
C ASN C 94 17.58 18.02 6.17
N ARG C 95 16.29 17.72 6.01
CA ARG C 95 15.74 16.40 6.29
C ARG C 95 15.31 16.24 7.74
N ILE C 96 16.28 16.35 8.66
CA ILE C 96 15.99 16.23 10.07
C ILE C 96 15.68 17.59 10.66
N ASP C 97 15.82 18.60 9.83
CA ASP C 97 15.34 19.93 10.17
C ASP C 97 15.38 20.81 8.96
N ILE C 98 15.06 22.09 9.17
CA ILE C 98 15.18 23.09 8.13
C ILE C 98 16.14 24.10 8.67
N ARG C 99 16.97 24.65 7.81
CA ARG C 99 17.92 25.67 8.22
C ARG C 99 18.03 26.74 7.16
N GLN C 100 18.53 27.89 7.60
CA GLN C 100 18.97 28.89 6.65
C GLN C 100 20.36 29.36 6.95
N VAL C 101 21.02 29.86 5.90
CA VAL C 101 22.38 30.34 5.97
C VAL C 101 22.45 31.64 5.21
N LEU C 102 23.26 32.56 5.72
CA LEU C 102 23.65 33.73 4.94
C LEU C 102 24.83 33.29 4.08
N PRO C 103 24.68 33.41 2.75
CA PRO C 103 25.77 32.98 1.85
C PRO C 103 27.06 33.68 2.24
N HIS C 104 28.17 32.96 2.18
CA HIS C 104 29.50 33.52 2.52
C HIS C 104 29.54 34.10 3.93
N ARG C 105 29.54 33.21 4.92
CA ARG C 105 29.61 33.61 6.34
C ARG C 105 30.04 32.42 7.20
N SER C 106 30.79 32.72 8.26
CA SER C 106 31.10 31.71 9.29
C SER C 106 29.88 31.50 10.21
N GLU C 107 28.69 31.77 9.66
CA GLU C 107 27.43 31.52 10.36
C GLU C 107 26.49 30.61 9.56
N TYR C 108 25.60 29.94 10.28
CA TYR C 108 24.38 29.36 9.72
C TYR C 108 23.43 28.99 10.84
N THR C 109 22.20 29.50 10.74
CA THR C 109 21.19 29.28 11.76
C THR C 109 20.26 28.12 11.44
N LEU C 110 19.98 27.32 12.46
CA LEU C 110 18.88 26.36 12.44
C LEU C 110 17.55 27.15 12.45
N LEU C 111 16.43 26.45 12.25
CA LEU C 111 15.13 27.12 12.18
C LEU C 111 14.11 26.24 12.87
N LEU C 112 13.59 25.23 12.17
CA LEU C 112 12.66 24.28 12.79
C LEU C 112 13.40 23.00 13.12
N ASN C 113 13.10 22.42 14.27
CA ASN C 113 13.89 21.30 14.74
C ASN C 113 13.12 19.99 14.65
N ASN C 114 13.82 18.89 14.95
CA ASN C 114 13.21 17.57 15.10
C ASN C 114 12.12 17.24 14.08
N LEU C 115 12.40 17.53 12.81
CA LEU C 115 11.51 17.14 11.74
C LEU C 115 11.80 15.67 11.39
N GLU C 116 10.92 15.05 10.61
CA GLU C 116 11.11 13.64 10.22
C GLU C 116 11.99 13.42 9.00
N ASN C 117 11.43 13.79 7.85
CA ASN C 117 12.14 13.84 6.59
C ASN C 117 11.68 15.07 5.83
N ALA C 118 12.23 16.23 6.17
CA ALA C 118 11.77 17.46 5.55
C ALA C 118 12.47 17.63 4.22
N ILE C 119 11.72 17.49 3.14
CA ILE C 119 12.30 17.48 1.80
C ILE C 119 12.10 18.81 1.07
N ALA C 120 10.87 19.11 0.63
CA ALA C 120 10.63 20.33 -0.15
C ALA C 120 10.05 21.48 0.67
N LEU C 121 10.56 22.69 0.46
CA LEU C 121 10.01 23.89 1.14
C LEU C 121 9.75 25.08 0.22
N ASP C 122 9.29 26.18 0.81
CA ASP C 122 9.04 27.44 0.13
C ASP C 122 8.42 28.37 1.16
N PHE C 123 8.26 29.64 0.78
CA PHE C 123 7.95 30.69 1.73
C PHE C 123 7.05 31.76 1.14
N HIS C 124 6.13 32.26 1.97
CA HIS C 124 5.36 33.47 1.68
C HIS C 124 6.01 34.59 2.42
N HIS C 125 6.71 35.46 1.69
CA HIS C 125 7.53 36.51 2.31
C HIS C 125 6.73 37.44 3.16
N ARG C 126 5.96 38.31 2.48
CA ARG C 126 5.12 39.30 3.15
C ARG C 126 3.90 38.67 3.86
N ARG C 127 4.11 37.50 4.46
CA ARG C 127 3.15 36.84 5.35
C ARG C 127 3.87 36.04 6.43
N GLU C 128 5.21 36.18 6.46
CA GLU C 128 6.06 35.44 7.41
C GLU C 128 5.63 33.99 7.49
N LEU C 129 5.75 33.32 6.35
CA LEU C 129 5.34 31.92 6.22
C LEU C 129 6.40 31.03 5.57
N VAL C 130 6.61 29.86 6.17
CA VAL C 130 7.38 28.82 5.50
C VAL C 130 6.49 27.61 5.32
N PHE C 131 6.64 26.96 4.18
CA PHE C 131 5.92 25.74 3.95
C PHE C 131 6.98 24.69 3.76
N TRP C 132 6.71 23.48 4.21
CA TRP C 132 7.53 22.36 3.81
C TRP C 132 6.77 21.08 3.77
N SER C 133 7.28 20.12 3.02
CA SER C 133 6.65 18.85 2.90
C SER C 133 7.53 17.78 3.54
N ASP C 134 6.96 16.99 4.45
CA ASP C 134 7.67 15.82 4.98
C ASP C 134 7.29 14.54 4.23
N VAL C 135 8.25 13.91 3.55
CA VAL C 135 8.00 12.71 2.76
C VAL C 135 7.75 11.44 3.60
N THR C 136 8.28 11.39 4.82
CA THR C 136 8.04 10.23 5.69
C THR C 136 6.82 10.32 6.61
N LEU C 137 6.24 11.51 6.74
CA LEU C 137 4.95 11.64 7.41
C LEU C 137 3.81 11.75 6.41
N ASP C 138 4.17 11.85 5.13
CA ASP C 138 3.26 12.13 3.98
C ASP C 138 2.39 13.40 4.12
N ARG C 139 2.96 14.43 4.74
CA ARG C 139 2.28 15.70 5.01
C ARG C 139 2.97 16.87 4.31
N ILE C 140 2.27 18.01 4.17
CA ILE C 140 2.91 19.27 3.80
C ILE C 140 2.56 20.32 4.84
N LEU C 141 3.52 20.69 5.68
CA LEU C 141 3.19 21.56 6.82
C LEU C 141 3.46 23.02 6.57
N ARG C 142 2.83 23.86 7.37
CA ARG C 142 3.18 25.26 7.42
C ARG C 142 3.65 25.65 8.82
N ALA C 143 4.53 26.64 8.88
CA ALA C 143 4.86 27.28 10.13
C ALA C 143 5.14 28.75 9.87
N ASN C 144 4.92 29.56 10.90
CA ASN C 144 5.26 30.96 10.83
C ASN C 144 6.76 31.09 10.59
N LEU C 145 7.16 31.99 9.69
CA LEU C 145 8.59 32.21 9.43
C LEU C 145 9.40 32.38 10.72
N ASN C 146 8.81 33.07 11.70
CA ASN C 146 9.20 32.97 13.11
C ASN C 146 9.84 31.59 13.39
N GLY C 147 9.09 30.53 13.12
CA GLY C 147 9.52 29.14 13.31
C GLY C 147 8.57 28.44 14.26
N SER C 148 7.29 28.78 14.14
CA SER C 148 6.38 28.63 15.26
C SER C 148 4.93 28.43 14.81
N ASN C 149 4.16 27.79 15.69
CA ASN C 149 2.80 27.30 15.38
C ASN C 149 2.72 26.55 14.05
N VAL C 150 3.30 25.35 14.05
CA VAL C 150 3.26 24.48 12.90
C VAL C 150 1.83 23.97 12.70
N GLU C 151 1.32 24.11 11.49
CA GLU C 151 -0.01 23.64 11.16
C GLU C 151 0.10 22.74 9.95
N GLU C 152 -0.35 21.49 10.10
CA GLU C 152 -0.48 20.60 8.95
C GLU C 152 -1.43 21.25 7.92
N VAL C 153 -0.94 21.48 6.71
CA VAL C 153 -1.76 22.13 5.71
C VAL C 153 -2.31 21.08 4.74
N VAL C 154 -1.58 19.98 4.59
CA VAL C 154 -2.08 18.84 3.83
C VAL C 154 -1.74 17.60 4.64
N SER C 155 -2.71 16.70 4.78
CA SER C 155 -2.62 15.63 5.79
C SER C 155 -3.03 14.26 5.29
N THR C 156 -3.68 14.23 4.13
CA THR C 156 -3.97 12.97 3.47
C THR C 156 -3.54 13.11 2.02
N GLY C 157 -3.53 11.98 1.31
CA GLY C 157 -3.43 11.99 -0.15
C GLY C 157 -2.04 12.14 -0.74
N LEU C 158 -1.02 12.24 0.12
CA LEU C 158 0.34 12.37 -0.37
C LEU C 158 1.11 11.06 -0.23
N GLU C 159 2.10 10.86 -1.11
CA GLU C 159 2.97 9.70 -1.05
C GLU C 159 4.44 10.13 -1.12
N SER C 160 4.77 10.91 -2.15
CA SER C 160 6.04 11.60 -2.25
C SER C 160 5.83 13.03 -2.70
N PRO C 161 5.53 13.92 -1.74
CA PRO C 161 5.51 15.36 -1.90
C PRO C 161 6.90 15.86 -2.27
N GLY C 162 7.16 15.93 -3.57
CA GLY C 162 8.47 16.25 -4.09
C GLY C 162 8.77 17.72 -4.02
N GLY C 163 7.79 18.55 -4.37
CA GLY C 163 8.03 19.99 -4.51
C GLY C 163 6.97 20.88 -3.90
N LEU C 164 7.38 22.07 -3.48
CA LEU C 164 6.45 23.08 -3.01
C LEU C 164 6.41 24.32 -3.88
N ALA C 165 5.27 24.96 -3.94
CA ALA C 165 5.14 26.15 -4.77
C ALA C 165 4.15 27.13 -4.18
N VAL C 166 4.65 28.32 -3.85
CA VAL C 166 3.83 29.40 -3.31
C VAL C 166 3.68 30.52 -4.35
N ASP C 167 2.45 30.70 -4.82
CA ASP C 167 2.05 31.87 -5.62
C ASP C 167 1.83 32.97 -4.59
N TRP C 168 2.89 33.72 -4.31
CA TRP C 168 2.82 34.78 -3.31
C TRP C 168 1.87 35.84 -3.74
N VAL C 169 1.68 35.98 -5.05
CA VAL C 169 0.79 37.00 -5.60
C VAL C 169 -0.70 36.62 -5.52
N HIS C 170 -1.06 35.38 -5.86
CA HIS C 170 -2.47 34.98 -5.79
C HIS C 170 -2.78 34.11 -4.62
N ASP C 171 -1.85 34.06 -3.66
CA ASP C 171 -2.02 33.29 -2.41
C ASP C 171 -2.58 31.89 -2.63
N LYS C 172 -1.87 31.12 -3.45
CA LYS C 172 -2.18 29.70 -3.69
C LYS C 172 -0.93 28.85 -3.53
N LEU C 173 -1.07 27.65 -2.96
CA LEU C 173 0.03 26.71 -2.79
C LEU C 173 -0.08 25.44 -3.69
N TYR C 174 0.90 25.25 -4.57
CA TYR C 174 0.95 24.07 -5.43
C TYR C 174 2.04 23.11 -4.97
N TRP C 175 1.93 21.85 -5.37
CA TRP C 175 2.92 20.81 -5.00
C TRP C 175 2.88 19.61 -5.93
N THR C 176 3.94 18.78 -5.91
CA THR C 176 4.03 17.63 -6.83
C THR C 176 4.26 16.34 -6.07
N ASP C 177 3.35 15.39 -6.23
CA ASP C 177 3.53 14.11 -5.61
C ASP C 177 4.00 13.17 -6.66
N SER C 178 5.29 12.82 -6.54
CA SER C 178 5.93 11.81 -7.36
C SER C 178 5.54 10.39 -6.93
N GLY C 179 4.64 10.27 -5.95
CA GLY C 179 4.12 8.98 -5.52
C GLY C 179 2.74 8.67 -6.08
N THR C 180 2.00 9.73 -6.40
CA THR C 180 0.70 9.62 -7.04
C THR C 180 0.79 10.09 -8.47
N SER C 181 1.89 10.75 -8.82
CA SER C 181 2.05 11.38 -10.13
C SER C 181 0.98 12.45 -10.41
N ARG C 182 0.84 13.39 -9.48
CA ARG C 182 -0.05 14.51 -9.70
C ARG C 182 0.61 15.85 -9.40
N ILE C 183 -0.09 16.91 -9.77
CA ILE C 183 0.20 18.24 -9.28
C ILE C 183 -1.11 18.82 -8.69
N GLU C 184 -1.10 19.16 -7.41
CA GLU C 184 -2.32 19.68 -6.81
C GLU C 184 -2.14 21.06 -6.15
N VAL C 185 -3.21 21.87 -6.18
CA VAL C 185 -3.18 23.25 -5.69
C VAL C 185 -4.24 23.41 -4.63
N ALA C 186 -3.92 24.21 -3.60
CA ALA C 186 -4.90 24.54 -2.56
C ALA C 186 -4.66 25.96 -2.07
N ASN C 187 -5.56 26.43 -1.20
CA ASN C 187 -5.36 27.66 -0.47
C ASN C 187 -4.13 27.56 0.42
N LEU C 188 -3.56 28.71 0.74
CA LEU C 188 -2.46 28.81 1.70
C LEU C 188 -2.69 28.04 3.01
N ASP C 189 -3.97 27.90 3.40
CA ASP C 189 -4.37 27.07 4.55
C ASP C 189 -4.59 25.59 4.18
N GLY C 190 -4.52 25.31 2.88
CA GLY C 190 -4.66 23.96 2.37
C GLY C 190 -6.08 23.68 1.95
N ALA C 191 -6.98 24.62 2.23
CA ALA C 191 -8.38 24.45 1.87
C ALA C 191 -8.55 24.46 0.36
N HIS C 192 -9.75 24.13 -0.10
CA HIS C 192 -10.07 24.21 -1.52
C HIS C 192 -9.19 23.36 -2.40
N ARG C 193 -8.82 22.19 -1.88
CA ARG C 193 -7.87 21.30 -2.52
C ARG C 193 -8.41 20.70 -3.81
N LYS C 194 -7.68 20.95 -4.89
CA LYS C 194 -8.01 20.51 -6.23
C LYS C 194 -6.76 19.89 -6.83
N VAL C 195 -6.92 18.72 -7.40
CA VAL C 195 -5.86 18.06 -8.16
C VAL C 195 -5.75 18.78 -9.51
N LEU C 196 -4.60 19.43 -9.75
CA LEU C 196 -4.45 20.32 -10.91
C LEU C 196 -4.10 19.62 -12.25
N LEU C 197 -3.01 18.85 -12.27
CA LEU C 197 -2.57 18.12 -13.45
C LEU C 197 -2.41 16.65 -13.13
N TRP C 198 -2.76 15.77 -14.07
CA TRP C 198 -2.63 14.34 -13.79
C TRP C 198 -2.07 13.49 -14.88
N GLN C 199 -2.33 13.83 -16.13
CA GLN C 199 -1.99 12.92 -17.22
C GLN C 199 -0.53 13.02 -17.66
N SER C 200 0.01 11.91 -18.17
CA SER C 200 1.37 11.86 -18.71
C SER C 200 2.36 12.43 -17.72
N LEU C 201 2.05 12.28 -16.44
CA LEU C 201 2.99 12.67 -15.41
C LEU C 201 3.60 11.44 -14.78
N GLU C 202 4.93 11.40 -14.74
CA GLU C 202 5.60 10.18 -14.33
C GLU C 202 6.19 10.33 -12.95
N LYS C 203 7.29 11.07 -12.84
CA LYS C 203 7.88 11.30 -11.55
C LYS C 203 8.15 12.80 -11.36
N PRO C 204 7.06 13.59 -11.15
CA PRO C 204 7.21 15.05 -11.15
C PRO C 204 7.87 15.51 -9.87
N ARG C 205 8.95 16.29 -10.00
CA ARG C 205 9.69 16.77 -8.85
C ARG C 205 9.51 18.24 -8.57
N ALA C 206 10.50 19.00 -9.02
CA ALA C 206 10.57 20.43 -8.87
C ALA C 206 9.40 21.16 -9.52
N ILE C 207 9.01 22.23 -8.87
CA ILE C 207 8.00 23.08 -9.40
C ILE C 207 8.47 24.53 -9.12
N ALA C 208 8.13 25.41 -10.06
CA ALA C 208 8.56 26.81 -10.07
C ALA C 208 7.42 27.62 -10.65
N LEU C 209 7.20 28.83 -10.14
CA LEU C 209 6.02 29.58 -10.58
C LEU C 209 6.33 30.84 -11.35
N HIS C 210 5.34 31.35 -12.07
CA HIS C 210 5.43 32.71 -12.58
C HIS C 210 4.11 33.41 -12.44
N PRO C 211 3.85 33.97 -11.23
CA PRO C 211 2.60 34.70 -10.98
C PRO C 211 2.34 35.83 -11.98
N MET C 212 3.38 36.60 -12.31
CA MET C 212 3.26 37.67 -13.32
C MET C 212 2.55 37.15 -14.58
N GLU C 213 2.99 35.98 -15.05
CA GLU C 213 2.50 35.37 -16.28
C GLU C 213 1.51 34.25 -16.05
N GLY C 214 1.06 34.09 -14.81
CA GLY C 214 0.17 32.98 -14.43
C GLY C 214 0.63 31.64 -14.99
N THR C 215 1.86 31.26 -14.68
CA THR C 215 2.52 30.14 -15.35
C THR C 215 3.30 29.26 -14.37
N ILE C 216 3.15 27.94 -14.55
CA ILE C 216 3.89 26.94 -13.76
C ILE C 216 5.02 26.34 -14.59
N TYR C 217 6.04 25.84 -13.90
CA TYR C 217 7.09 25.07 -14.53
C TYR C 217 7.40 23.92 -13.60
N TRP C 218 7.73 22.77 -14.19
CA TRP C 218 8.01 21.60 -13.37
C TRP C 218 8.84 20.55 -14.05
N THR C 219 9.61 19.81 -13.25
CA THR C 219 10.38 18.70 -13.75
C THR C 219 9.62 17.40 -13.60
N ASP C 220 10.07 16.41 -14.37
CA ASP C 220 9.58 15.04 -14.34
C ASP C 220 10.74 14.16 -14.76
N TRP C 221 11.33 13.45 -13.80
CA TRP C 221 12.41 12.50 -14.11
C TRP C 221 11.91 11.11 -14.28
N GLY C 222 10.64 11.00 -14.71
CA GLY C 222 10.09 9.71 -15.08
C GLY C 222 10.75 9.18 -16.34
N ASN C 223 10.06 8.26 -16.99
CA ASN C 223 10.60 7.58 -18.14
C ASN C 223 10.78 8.51 -19.34
N THR C 224 9.84 9.41 -19.56
CA THR C 224 10.08 10.53 -20.46
C THR C 224 10.46 11.72 -19.56
N PRO C 225 11.77 11.92 -19.34
CA PRO C 225 12.23 13.08 -18.58
C PRO C 225 11.96 14.36 -19.35
N ARG C 226 11.63 15.42 -18.64
CA ARG C 226 10.88 16.48 -19.25
C ARG C 226 10.79 17.67 -18.35
N ILE C 227 11.00 18.84 -18.93
CA ILE C 227 10.72 20.10 -18.28
C ILE C 227 9.44 20.60 -18.96
N GLU C 228 8.36 20.75 -18.18
CA GLU C 228 7.06 21.21 -18.73
C GLU C 228 6.52 22.47 -18.07
N ALA C 229 5.45 22.99 -18.68
CA ALA C 229 4.86 24.26 -18.29
C ALA C 229 3.36 24.27 -18.54
N SER C 230 2.64 25.00 -17.69
CA SER C 230 1.21 25.14 -17.81
C SER C 230 0.79 26.53 -17.33
N SER C 231 -0.40 26.97 -17.74
CA SER C 231 -0.99 28.19 -17.21
C SER C 231 -1.53 27.82 -15.82
N MET C 232 -1.29 28.68 -14.83
CA MET C 232 -1.73 28.46 -13.43
C MET C 232 -2.90 27.49 -13.23
N ASP C 233 -3.89 27.60 -14.11
CA ASP C 233 -5.12 26.86 -14.00
C ASP C 233 -5.06 25.45 -14.57
N GLY C 234 -3.93 25.07 -15.16
CA GLY C 234 -3.83 23.73 -15.72
C GLY C 234 -3.96 23.68 -17.22
N SER C 235 -4.72 24.61 -17.80
CA SER C 235 -4.73 24.79 -19.24
C SER C 235 -3.36 25.25 -19.76
N GLY C 236 -3.13 25.09 -21.06
CA GLY C 236 -1.94 25.64 -21.73
C GLY C 236 -0.65 24.89 -21.50
N ARG C 237 -0.77 23.59 -21.24
CA ARG C 237 0.38 22.73 -21.01
C ARG C 237 1.32 22.79 -22.20
N ARG C 238 2.61 22.58 -21.96
CA ARG C 238 3.60 22.49 -23.02
C ARG C 238 4.95 21.96 -22.55
N ILE C 239 5.60 21.20 -23.43
CA ILE C 239 6.95 20.73 -23.19
C ILE C 239 7.94 21.89 -23.36
N ILE C 240 8.78 22.10 -22.35
CA ILE C 240 9.94 23.01 -22.45
C ILE C 240 11.14 22.26 -23.02
N ALA C 241 11.43 21.06 -22.47
CA ALA C 241 12.52 20.21 -22.97
C ALA C 241 12.24 18.76 -22.68
N ASP C 242 12.51 17.90 -23.67
CA ASP C 242 12.50 16.46 -23.46
C ASP C 242 13.76 15.89 -24.09
N THR C 243 14.51 16.78 -24.72
CA THR C 243 15.85 16.53 -25.23
C THR C 243 16.93 16.62 -24.15
N HIS C 244 17.64 15.53 -23.91
CA HIS C 244 18.87 15.53 -23.10
C HIS C 244 18.61 15.73 -21.65
N LEU C 245 17.71 14.92 -21.10
CA LEU C 245 17.46 14.95 -19.65
C LEU C 245 17.32 13.55 -19.13
N PHE C 246 17.82 13.32 -17.92
CA PHE C 246 17.57 12.06 -17.26
C PHE C 246 17.07 12.25 -15.85
N TRP C 247 17.82 13.03 -15.08
CA TRP C 247 17.44 13.40 -13.74
C TRP C 247 17.24 14.89 -13.60
N PRO C 248 16.17 15.43 -14.19
CA PRO C 248 15.97 16.85 -13.94
C PRO C 248 15.51 17.08 -12.51
N ASN C 249 16.47 17.32 -11.62
CA ASN C 249 16.16 17.55 -10.20
C ASN C 249 15.71 18.97 -9.86
N GLY C 250 16.60 19.95 -9.99
CA GLY C 250 16.26 21.31 -9.61
C GLY C 250 15.61 22.07 -10.76
N LEU C 251 14.74 23.02 -10.41
CA LEU C 251 14.26 24.04 -11.35
C LEU C 251 14.05 25.35 -10.58
N THR C 252 14.39 26.48 -11.19
CA THR C 252 14.19 27.77 -10.53
C THR C 252 14.06 28.90 -11.55
N ILE C 253 13.31 29.95 -11.21
CA ILE C 253 13.21 31.08 -12.14
C ILE C 253 14.06 32.27 -11.69
N ASP C 254 14.76 32.88 -12.65
CA ASP C 254 15.27 34.24 -12.50
C ASP C 254 14.16 35.13 -13.03
N TYR C 255 13.37 35.72 -12.14
CA TYR C 255 12.20 36.51 -12.55
C TYR C 255 12.64 37.82 -13.19
N ALA C 256 13.74 38.35 -12.67
CA ALA C 256 14.40 39.53 -13.21
C ALA C 256 15.01 39.21 -14.58
N GLY C 257 15.74 38.09 -14.64
CA GLY C 257 16.48 37.71 -15.83
C GLY C 257 15.65 37.19 -16.97
N ARG C 258 14.32 37.15 -16.77
CA ARG C 258 13.38 36.59 -17.75
C ARG C 258 13.94 35.29 -18.35
N ARG C 259 14.38 34.41 -17.43
CA ARG C 259 14.97 33.12 -17.77
C ARG C 259 14.67 32.06 -16.69
N MET C 260 14.94 30.80 -17.04
CA MET C 260 14.77 29.65 -16.14
C MET C 260 16.03 28.77 -16.15
N TYR C 261 16.53 28.44 -14.97
CA TYR C 261 17.74 27.63 -14.82
C TYR C 261 17.33 26.31 -14.17
N TRP C 262 17.84 25.20 -14.68
CA TRP C 262 17.49 23.88 -14.11
C TRP C 262 18.65 22.92 -14.00
N VAL C 263 18.48 21.87 -13.22
CA VAL C 263 19.61 21.01 -12.92
C VAL C 263 19.31 19.54 -13.16
N ASP C 264 20.10 18.92 -14.04
CA ASP C 264 20.04 17.48 -14.27
C ASP C 264 21.19 16.72 -13.59
N ALA C 265 20.88 15.86 -12.62
CA ALA C 265 21.92 15.17 -11.83
C ALA C 265 22.50 13.91 -12.47
N LYS C 266 21.84 13.41 -13.52
CA LYS C 266 22.40 12.33 -14.32
C LYS C 266 23.33 12.82 -15.48
N HIS C 267 23.05 14.00 -16.01
CA HIS C 267 23.93 14.65 -17.00
C HIS C 267 25.01 15.49 -16.40
N HIS C 268 24.82 15.81 -15.12
CA HIS C 268 25.69 16.71 -14.35
C HIS C 268 25.80 18.03 -15.06
N VAL C 269 24.66 18.68 -15.31
CA VAL C 269 24.68 19.99 -15.92
C VAL C 269 23.76 20.92 -15.13
N ILE C 270 23.87 22.22 -15.37
CA ILE C 270 22.83 23.15 -14.96
C ILE C 270 22.45 24.03 -16.15
N GLU C 271 21.54 23.57 -17.00
CA GLU C 271 21.19 24.30 -18.22
C GLU C 271 20.33 25.54 -17.93
N ARG C 272 20.24 26.46 -18.91
CA ARG C 272 19.43 27.69 -18.79
C ARG C 272 18.69 28.01 -20.08
N ALA C 273 17.48 28.56 -19.97
CA ALA C 273 16.67 28.89 -21.15
C ALA C 273 15.67 30.03 -20.94
N ASN C 274 15.20 30.60 -22.06
CA ASN C 274 14.05 31.52 -22.06
C ASN C 274 12.79 30.81 -21.56
N LEU C 275 11.78 31.58 -21.17
CA LEU C 275 10.55 31.06 -20.58
C LEU C 275 9.72 30.21 -21.55
N ASP C 276 10.20 30.06 -22.79
CA ASP C 276 9.59 29.13 -23.73
C ASP C 276 10.50 27.92 -23.91
N GLY C 277 11.74 28.05 -23.45
CA GLY C 277 12.72 26.96 -23.53
C GLY C 277 13.74 27.08 -24.65
N SER C 278 13.46 27.93 -25.63
CA SER C 278 14.42 28.14 -26.69
C SER C 278 15.61 28.89 -26.13
N HIS C 279 16.71 28.87 -26.88
CA HIS C 279 17.97 29.53 -26.52
C HIS C 279 18.58 28.94 -25.29
N ARG C 280 18.42 27.62 -25.16
CA ARG C 280 18.90 26.85 -24.01
C ARG C 280 20.40 26.56 -24.12
N LYS C 281 21.22 27.26 -23.35
CA LYS C 281 22.64 26.94 -23.19
C LYS C 281 22.82 26.17 -21.88
N ALA C 282 23.68 25.14 -21.89
CA ALA C 282 24.11 24.54 -20.64
C ALA C 282 24.99 25.57 -19.96
N VAL C 283 24.88 25.71 -18.65
CA VAL C 283 25.65 26.77 -18.01
C VAL C 283 26.77 26.21 -17.17
N ILE C 284 26.47 25.20 -16.35
CA ILE C 284 27.50 24.51 -15.56
C ILE C 284 27.57 23.04 -15.93
N SER C 285 28.79 22.59 -16.23
CA SER C 285 29.04 21.25 -16.70
C SER C 285 30.06 20.55 -15.83
N GLN C 286 30.36 21.10 -14.65
CA GLN C 286 31.28 20.42 -13.72
C GLN C 286 31.00 20.66 -12.25
N GLY C 287 31.62 19.83 -11.41
CA GLY C 287 31.36 19.84 -9.98
C GLY C 287 29.89 19.61 -9.73
N LEU C 288 29.36 18.56 -10.32
CA LEU C 288 27.94 18.28 -10.15
C LEU C 288 27.67 16.80 -9.92
N PRO C 289 28.29 16.19 -8.90
CA PRO C 289 28.07 14.76 -8.74
C PRO C 289 26.57 14.36 -8.65
N HIS C 290 25.80 15.03 -7.80
CA HIS C 290 24.40 14.67 -7.59
C HIS C 290 23.65 15.85 -7.04
N PRO C 291 23.47 16.90 -7.86
CA PRO C 291 22.75 18.06 -7.37
C PRO C 291 21.26 17.75 -7.23
N PHE C 292 20.61 18.41 -6.28
CA PHE C 292 19.20 18.15 -6.04
C PHE C 292 18.32 19.39 -6.30
N ALA C 293 18.60 20.48 -5.59
CA ALA C 293 17.74 21.65 -5.66
C ALA C 293 18.47 22.93 -6.09
N ILE C 294 17.86 23.65 -7.02
CA ILE C 294 18.45 24.86 -7.56
C ILE C 294 17.70 26.13 -7.16
N THR C 295 18.44 27.22 -7.06
CA THR C 295 17.87 28.54 -6.79
C THR C 295 18.79 29.65 -7.34
N VAL C 296 18.18 30.74 -7.82
CA VAL C 296 18.93 31.95 -8.27
C VAL C 296 18.70 33.17 -7.40
N PHE C 297 19.62 34.11 -7.50
CA PHE C 297 19.45 35.45 -6.94
C PHE C 297 20.60 36.37 -7.32
N GLU C 298 20.24 37.58 -7.73
CA GLU C 298 21.18 38.52 -8.37
C GLU C 298 21.85 37.85 -9.57
N ASP C 299 23.11 37.47 -9.42
CA ASP C 299 23.86 36.92 -10.53
C ASP C 299 24.31 35.51 -10.23
N SER C 300 23.75 34.93 -9.18
CA SER C 300 24.27 33.67 -8.64
C SER C 300 23.30 32.48 -8.68
N LEU C 301 23.85 31.33 -8.99
CA LEU C 301 23.15 30.06 -8.87
C LEU C 301 23.53 29.30 -7.59
N TYR C 302 22.52 28.84 -6.85
CA TYR C 302 22.74 28.05 -5.64
C TYR C 302 22.10 26.67 -5.76
N TRP C 303 22.83 25.64 -5.37
CA TRP C 303 22.27 24.28 -5.41
C TRP C 303 22.69 23.40 -4.27
N THR C 304 21.89 22.37 -4.02
CA THR C 304 22.21 21.33 -3.05
C THR C 304 22.68 20.07 -3.79
N ASP C 305 23.52 19.26 -3.14
CA ASP C 305 24.07 18.08 -3.78
C ASP C 305 24.11 16.96 -2.76
N TRP C 306 23.51 15.84 -3.12
CA TRP C 306 23.42 14.73 -2.17
C TRP C 306 24.68 13.98 -1.93
N HIS C 307 25.65 14.16 -2.83
CA HIS C 307 26.92 13.45 -2.71
C HIS C 307 27.86 14.15 -1.80
N THR C 308 28.17 15.39 -2.15
CA THR C 308 28.99 16.25 -1.31
C THR C 308 28.31 16.66 0.01
N LYS C 309 26.97 16.61 0.06
CA LYS C 309 26.22 17.06 1.23
C LYS C 309 26.51 18.54 1.48
N SER C 310 26.23 19.40 0.50
CA SER C 310 26.58 20.82 0.60
C SER C 310 25.66 21.78 -0.16
N ILE C 311 25.66 23.04 0.27
CA ILE C 311 25.11 24.13 -0.54
C ILE C 311 26.20 24.61 -1.47
N ASN C 312 25.90 24.70 -2.76
CA ASN C 312 26.88 25.21 -3.70
C ASN C 312 26.38 26.49 -4.35
N SER C 313 27.27 27.15 -5.09
CA SER C 313 26.95 28.38 -5.81
C SER C 313 27.92 28.69 -6.94
N ALA C 314 27.48 29.53 -7.87
CA ALA C 314 28.29 29.93 -9.02
C ALA C 314 27.73 31.17 -9.75
N ASN C 315 28.52 31.76 -10.64
CA ASN C 315 28.04 32.83 -11.51
C ASN C 315 27.05 32.24 -12.49
N LYS C 316 25.85 32.84 -12.51
CA LYS C 316 24.77 32.39 -13.40
C LYS C 316 25.11 32.55 -14.88
N PHE C 317 26.12 33.36 -15.17
CA PHE C 317 26.60 33.55 -16.54
C PHE C 317 27.89 32.78 -16.81
N THR C 318 28.97 33.13 -16.10
CA THR C 318 30.29 32.51 -16.32
C THR C 318 30.31 31.02 -15.96
N GLY C 319 29.60 30.65 -14.90
CA GLY C 319 29.68 29.29 -14.39
C GLY C 319 30.95 29.12 -13.57
N LYS C 320 31.92 29.98 -13.84
CA LYS C 320 33.12 30.09 -13.02
C LYS C 320 32.68 30.79 -11.75
N ASN C 321 33.58 30.91 -10.78
CA ASN C 321 33.22 31.43 -9.47
C ASN C 321 32.63 30.34 -8.59
N GLN C 322 32.77 29.09 -9.01
CA GLN C 322 32.13 27.98 -8.32
C GLN C 322 32.51 27.92 -6.83
N GLU C 323 31.56 27.53 -5.99
CA GLU C 323 31.69 27.76 -4.56
C GLU C 323 31.01 26.69 -3.68
N ILE C 324 31.64 26.41 -2.55
CA ILE C 324 31.06 25.64 -1.46
C ILE C 324 30.51 26.65 -0.48
N ILE C 325 29.28 26.45 0.00
CA ILE C 325 28.79 27.25 1.14
C ILE C 325 28.89 26.43 2.44
N ARG C 326 27.80 25.81 2.88
CA ARG C 326 27.90 24.87 3.99
C ARG C 326 28.36 23.53 3.46
N ASN C 327 29.42 23.02 4.07
CA ASN C 327 29.76 21.62 3.96
C ASN C 327 29.08 20.90 5.13
N LYS C 328 29.10 19.57 5.11
CA LYS C 328 28.72 18.74 6.28
C LYS C 328 27.23 18.67 6.63
N LEU C 329 26.37 19.21 5.77
CA LEU C 329 24.92 19.09 5.99
C LEU C 329 24.50 17.64 6.01
N HIS C 330 23.66 17.31 6.97
CA HIS C 330 23.25 15.94 7.17
C HIS C 330 22.60 15.29 5.96
N PHE C 331 21.97 16.10 5.09
CA PHE C 331 21.39 15.66 3.81
C PHE C 331 20.55 16.75 3.20
N PRO C 332 21.19 17.72 2.51
CA PRO C 332 20.52 18.91 1.99
C PRO C 332 19.49 18.58 0.91
N MET C 333 18.26 19.05 1.09
CA MET C 333 17.26 18.91 0.05
C MET C 333 16.99 20.26 -0.58
N ASP C 334 15.72 20.62 -0.66
CA ASP C 334 15.29 21.84 -1.34
C ASP C 334 15.85 23.14 -0.74
N ILE C 335 16.21 24.09 -1.61
CA ILE C 335 16.83 25.34 -1.20
C ILE C 335 16.15 26.53 -1.86
N HIS C 336 16.35 27.71 -1.30
CA HIS C 336 15.57 28.88 -1.70
C HIS C 336 16.15 30.16 -1.19
N THR C 337 16.07 31.20 -2.01
CA THR C 337 16.47 32.51 -1.53
C THR C 337 15.28 33.19 -0.90
N LEU C 338 15.45 33.51 0.37
CA LEU C 338 14.51 34.27 1.16
C LEU C 338 14.78 35.77 0.96
N HIS C 339 13.99 36.38 0.09
CA HIS C 339 14.12 37.80 -0.20
C HIS C 339 12.94 38.34 -0.97
N PRO C 340 12.43 39.53 -0.57
CA PRO C 340 11.26 40.21 -1.14
C PRO C 340 11.31 40.36 -2.65
N GLN C 341 12.46 40.73 -3.18
CA GLN C 341 12.58 40.85 -4.62
C GLN C 341 12.67 39.48 -5.27
N ARG C 342 12.96 38.45 -4.47
CA ARG C 342 12.81 37.07 -4.95
C ARG C 342 11.32 36.71 -5.01
N GLN C 343 10.45 37.55 -4.45
CA GLN C 343 9.02 37.41 -4.71
C GLN C 343 8.42 38.76 -5.12
N PRO C 344 8.67 39.20 -6.36
CA PRO C 344 8.15 40.48 -6.83
C PRO C 344 6.63 40.53 -6.83
N ALA C 345 6.05 41.60 -6.29
CA ALA C 345 4.60 41.77 -6.35
C ALA C 345 4.19 42.22 -7.75
N GLY C 346 3.54 41.33 -8.49
CA GLY C 346 2.95 41.67 -9.77
C GLY C 346 1.50 42.05 -9.55
N LYS C 347 0.77 42.28 -10.64
CA LYS C 347 -0.66 42.58 -10.56
C LYS C 347 -1.43 41.31 -10.18
N ASN C 348 -2.40 41.47 -9.29
CA ASN C 348 -3.26 40.36 -8.93
C ASN C 348 -4.33 40.14 -9.98
N ARG C 349 -4.17 39.06 -10.73
CA ARG C 349 -5.08 38.69 -11.82
C ARG C 349 -6.54 38.52 -11.37
N CYS C 350 -6.75 38.26 -10.07
CA CYS C 350 -8.12 38.14 -9.50
C CYS C 350 -8.60 39.49 -9.00
N GLY C 351 -7.67 40.29 -8.49
CA GLY C 351 -7.98 41.60 -7.89
C GLY C 351 -8.84 41.48 -6.64
N ASP C 352 -9.84 42.35 -6.53
CA ASP C 352 -10.86 42.23 -5.50
C ASP C 352 -11.41 40.82 -5.60
N ASN C 353 -11.80 40.24 -4.48
CA ASN C 353 -12.06 38.81 -4.45
C ASN C 353 -13.45 38.36 -4.91
N ASN C 354 -14.01 39.08 -5.87
CA ASN C 354 -15.05 38.55 -6.74
C ASN C 354 -14.34 37.86 -7.90
N GLY C 355 -13.20 38.44 -8.25
CA GLY C 355 -12.16 37.74 -9.01
C GLY C 355 -11.94 36.46 -8.28
N GLY C 356 -11.87 36.53 -6.95
CA GLY C 356 -11.89 35.35 -6.07
C GLY C 356 -12.90 34.26 -6.39
N CYS C 357 -13.74 34.51 -7.40
CA CYS C 357 -14.51 33.48 -8.13
C CYS C 357 -15.71 32.94 -7.38
N THR C 358 -15.59 31.70 -6.88
CA THR C 358 -16.51 31.10 -5.90
C THR C 358 -15.68 30.32 -4.92
N HIS C 359 -14.69 29.61 -5.46
CA HIS C 359 -13.78 28.83 -4.65
C HIS C 359 -12.39 29.19 -5.02
N LEU C 360 -11.98 28.77 -6.22
CA LEU C 360 -10.63 29.03 -6.68
C LEU C 360 -10.60 29.96 -7.89
N CYS C 361 -9.82 31.04 -7.79
CA CYS C 361 -9.52 31.85 -8.96
C CYS C 361 -8.10 31.52 -9.39
N LEU C 362 -7.98 30.79 -10.49
CA LEU C 362 -6.67 30.39 -10.97
C LEU C 362 -6.37 31.10 -12.28
N PRO C 363 -5.29 31.90 -12.30
CA PRO C 363 -4.88 32.58 -13.54
C PRO C 363 -4.66 31.66 -14.73
N SER C 364 -5.29 32.05 -15.84
CA SER C 364 -5.36 31.27 -17.06
C SER C 364 -4.92 32.18 -18.19
N GLY C 365 -4.06 31.68 -19.08
CA GLY C 365 -3.57 32.48 -20.21
C GLY C 365 -3.16 33.88 -19.80
N GLN C 366 -3.88 34.89 -20.30
CA GLN C 366 -3.64 36.29 -19.88
C GLN C 366 -4.66 36.81 -18.86
N ASN C 367 -5.79 36.11 -18.73
CA ASN C 367 -6.80 36.48 -17.74
C ASN C 367 -6.69 35.57 -16.49
N TYR C 368 -7.74 34.83 -16.18
CA TYR C 368 -7.74 33.83 -15.12
C TYR C 368 -9.02 33.02 -15.24
N THR C 369 -9.14 31.93 -14.48
CA THR C 369 -10.39 31.19 -14.45
C THR C 369 -10.88 30.84 -13.05
N CYS C 370 -12.11 30.35 -13.00
CA CYS C 370 -12.70 29.83 -11.80
C CYS C 370 -12.55 28.32 -11.78
N ALA C 371 -12.16 27.78 -10.63
CA ALA C 371 -11.92 26.35 -10.48
C ALA C 371 -12.51 25.79 -9.19
N CYS C 372 -12.75 24.48 -9.21
CA CYS C 372 -13.48 23.81 -8.14
C CYS C 372 -12.66 22.75 -7.45
N PRO C 373 -12.73 22.69 -6.12
CA PRO C 373 -11.96 21.68 -5.41
C PRO C 373 -12.58 20.31 -5.61
N THR C 374 -11.80 19.27 -5.28
CA THR C 374 -12.23 17.89 -5.40
C THR C 374 -13.63 17.72 -4.85
N GLY C 375 -14.48 17.10 -5.67
CA GLY C 375 -15.89 16.94 -5.38
C GLY C 375 -16.77 17.82 -6.26
N PHE C 376 -16.31 19.03 -6.51
CA PHE C 376 -17.17 20.08 -7.04
C PHE C 376 -17.24 20.16 -8.55
N ARG C 377 -18.45 19.99 -9.09
CA ARG C 377 -18.71 20.32 -10.48
C ARG C 377 -18.91 21.83 -10.56
N LYS C 378 -18.48 22.43 -11.68
CA LYS C 378 -18.70 23.86 -11.94
C LYS C 378 -20.06 24.10 -12.60
N ILE C 379 -20.71 25.20 -12.24
CA ILE C 379 -21.93 25.60 -12.94
C ILE C 379 -21.78 27.01 -13.46
N ASN C 380 -21.76 27.14 -14.78
CA ASN C 380 -21.72 28.45 -15.42
C ASN C 380 -20.42 29.18 -15.08
N SER C 381 -19.33 28.43 -15.11
CA SER C 381 -17.98 29.01 -15.16
C SER C 381 -17.59 29.94 -14.00
N HIS C 382 -18.54 30.47 -13.25
CA HIS C 382 -18.19 31.28 -12.09
C HIS C 382 -18.31 30.52 -10.81
N ALA C 383 -19.19 29.50 -10.81
CA ALA C 383 -19.65 28.84 -9.58
C ALA C 383 -19.42 27.33 -9.48
N CYS C 384 -19.06 26.86 -8.29
CA CYS C 384 -18.88 25.43 -8.02
C CYS C 384 -19.94 24.89 -7.07
N ALA C 385 -20.28 23.62 -7.26
CA ALA C 385 -21.24 22.92 -6.43
C ALA C 385 -20.75 21.50 -6.17
N GLN C 386 -20.87 21.07 -4.92
CA GLN C 386 -20.46 19.74 -4.45
C GLN C 386 -21.25 18.64 -5.16
N ALA D 1 33.22 -14.43 -1.09
CA ALA D 1 31.95 -15.10 -0.65
C ALA D 1 32.16 -15.92 0.62
N LEU D 2 31.06 -16.16 1.35
CA LEU D 2 30.99 -17.07 2.49
C LEU D 2 29.56 -17.59 2.62
N GLU D 3 29.29 -18.71 1.95
CA GLU D 3 27.93 -19.24 1.79
C GLU D 3 27.43 -20.00 3.03
N THR D 4 28.16 -19.90 4.14
CA THR D 4 27.88 -20.73 5.32
C THR D 4 28.40 -20.21 6.68
N LEU D 5 29.25 -19.19 6.66
CA LEU D 5 29.86 -18.63 7.88
C LEU D 5 28.84 -18.50 9.03
N ALA D 6 29.21 -18.97 10.20
CA ALA D 6 28.29 -19.01 11.33
C ALA D 6 28.69 -18.08 12.50
N PHE D 7 28.55 -18.53 13.74
CA PHE D 7 28.53 -17.58 14.87
C PHE D 7 29.35 -17.97 16.11
N ASP D 8 29.75 -16.93 16.88
CA ASP D 8 30.47 -17.11 18.14
C ASP D 8 29.52 -17.29 19.32
N GLY D 9 28.44 -16.51 19.35
CA GLY D 9 27.55 -16.48 20.49
C GLY D 9 27.82 -15.27 21.40
N ARG D 10 29.10 -14.96 21.59
CA ARG D 10 29.52 -13.68 22.16
C ARG D 10 29.42 -12.64 21.03
N THR D 11 28.86 -13.08 19.91
CA THR D 11 28.64 -12.28 18.70
C THR D 11 27.18 -11.83 18.60
N TYR D 12 26.99 -10.52 18.56
CA TYR D 12 25.67 -9.91 18.54
C TYR D 12 25.68 -8.80 17.50
N ILE D 13 24.96 -9.02 16.39
CA ILE D 13 25.12 -8.19 15.18
C ILE D 13 23.83 -7.60 14.58
N GLU D 14 23.79 -6.26 14.50
CA GLU D 14 22.73 -5.58 13.78
C GLU D 14 23.02 -5.57 12.28
N TYR D 15 22.51 -6.58 11.59
CA TYR D 15 22.63 -6.63 10.16
C TYR D 15 21.81 -5.51 9.49
N LEU D 16 22.11 -5.23 8.22
CA LEU D 16 21.45 -4.17 7.46
C LEU D 16 20.23 -4.71 6.73
N ASN D 17 19.03 -4.28 7.20
CA ASN D 17 17.75 -4.67 6.60
C ASN D 17 17.65 -4.13 5.17
N ALA D 18 17.21 -2.88 4.99
CA ALA D 18 17.05 -2.30 3.65
C ALA D 18 17.21 -0.78 3.63
N VAL D 19 17.70 -0.26 2.51
CA VAL D 19 17.76 1.20 2.28
C VAL D 19 17.22 1.56 0.88
N ILE D 20 16.92 2.84 0.64
CA ILE D 20 16.83 3.34 -0.74
C ILE D 20 18.02 4.26 -0.94
N GLU D 21 19.18 3.67 -1.17
CA GLU D 21 20.39 4.42 -1.53
C GLU D 21 20.08 5.26 -2.75
N SER D 22 19.70 6.50 -2.48
CA SER D 22 19.22 7.43 -3.47
C SER D 22 20.30 7.54 -4.50
N GLU D 23 21.53 7.59 -3.99
CA GLU D 23 22.73 7.91 -4.75
C GLU D 23 22.68 7.24 -6.12
N LEU D 24 22.29 5.97 -6.11
CA LEU D 24 22.04 5.23 -7.35
C LEU D 24 20.64 5.51 -7.90
N THR D 25 19.59 5.23 -7.12
CA THR D 25 18.19 5.33 -7.59
C THR D 25 17.64 6.74 -7.82
N ASN D 26 18.26 7.73 -7.16
CA ASN D 26 17.80 9.12 -7.16
C ASN D 26 16.41 9.32 -6.56
N GLU D 27 15.87 8.28 -5.92
CA GLU D 27 14.69 8.40 -5.10
C GLU D 27 14.99 9.25 -3.86
N ILE D 28 13.97 9.83 -3.24
CA ILE D 28 14.14 10.57 -1.98
C ILE D 28 14.36 9.62 -0.81
N PRO D 29 15.43 9.85 -0.03
CA PRO D 29 15.72 8.93 1.07
C PRO D 29 14.59 8.87 2.07
N ALA D 30 14.29 7.68 2.59
CA ALA D 30 13.22 7.54 3.59
C ALA D 30 13.31 6.25 4.40
N GLU D 31 13.03 6.34 5.69
CA GLU D 31 12.84 5.16 6.53
C GLU D 31 11.44 4.64 6.25
N LYS D 32 11.36 3.54 5.51
CA LYS D 32 10.06 3.00 5.12
C LYS D 32 9.36 2.27 6.27
N ALA D 33 8.14 2.70 6.58
CA ALA D 33 7.27 1.92 7.45
C ALA D 33 6.85 0.67 6.65
N LEU D 34 7.02 -0.51 7.25
CA LEU D 34 6.80 -1.77 6.50
C LEU D 34 5.40 -2.37 6.63
N GLN D 35 5.12 -3.28 5.70
CA GLN D 35 3.98 -4.18 5.79
C GLN D 35 4.27 -5.50 5.11
N SER D 36 5.47 -5.63 4.54
CA SER D 36 5.87 -6.86 3.85
C SER D 36 7.19 -7.38 4.38
N ASN D 37 7.21 -8.65 4.79
CA ASN D 37 8.42 -9.30 5.34
C ASN D 37 8.63 -10.70 4.72
N HIS D 38 9.47 -11.54 5.36
CA HIS D 38 9.70 -12.95 4.96
C HIS D 38 11.17 -13.34 4.97
N PHE D 39 11.41 -14.65 4.94
CA PHE D 39 12.76 -15.26 4.90
C PHE D 39 12.69 -16.79 4.94
N GLU D 40 13.86 -17.43 4.97
CA GLU D 40 13.96 -18.86 5.27
C GLU D 40 15.20 -19.15 6.12
N LEU D 41 15.06 -18.89 7.42
CA LEU D 41 16.17 -18.93 8.38
C LEU D 41 16.26 -20.27 9.14
N SER D 42 17.32 -21.03 8.88
CA SER D 42 17.55 -22.28 9.61
C SER D 42 18.06 -22.00 11.02
N LEU D 43 18.14 -23.05 11.84
CA LEU D 43 18.45 -22.91 13.25
C LEU D 43 18.86 -24.24 13.87
N ARG D 44 19.75 -24.14 14.86
CA ARG D 44 20.10 -25.25 15.73
C ARG D 44 20.29 -24.67 17.13
N THR D 45 19.76 -25.36 18.13
CA THR D 45 20.00 -24.97 19.51
C THR D 45 19.86 -26.14 20.49
N GLU D 46 20.25 -25.87 21.72
CA GLU D 46 19.96 -26.73 22.85
C GLU D 46 19.14 -25.97 23.88
N ALA D 47 19.30 -24.65 23.92
CA ALA D 47 18.58 -23.81 24.87
C ALA D 47 17.07 -23.81 24.64
N THR D 48 16.34 -24.40 25.60
CA THR D 48 14.88 -24.43 25.64
C THR D 48 14.30 -23.03 25.90
N GLN D 49 15.19 -22.06 26.12
CA GLN D 49 14.82 -20.69 26.47
C GLN D 49 15.77 -19.68 25.83
N GLY D 50 15.26 -18.51 25.49
CA GLY D 50 16.09 -17.44 24.91
C GLY D 50 15.40 -16.61 23.85
N LEU D 51 16.13 -15.62 23.33
CA LEU D 51 15.66 -14.74 22.25
C LEU D 51 16.49 -14.96 20.98
N VAL D 52 15.91 -14.66 19.81
CA VAL D 52 16.63 -14.87 18.56
C VAL D 52 16.82 -13.59 17.75
N LEU D 53 15.74 -13.11 17.16
CA LEU D 53 15.78 -11.98 16.24
C LEU D 53 14.68 -10.98 16.54
N TRP D 54 15.05 -9.70 16.59
CA TRP D 54 14.11 -8.61 16.70
C TRP D 54 14.29 -7.70 15.52
N ILE D 55 13.17 -7.35 14.88
CA ILE D 55 13.17 -6.47 13.73
C ILE D 55 12.60 -5.09 14.09
N GLY D 56 13.04 -4.08 13.36
CA GLY D 56 12.54 -2.74 13.50
C GLY D 56 13.54 -1.87 14.21
N LYS D 57 13.05 -1.11 15.19
CA LYS D 57 13.88 -0.20 15.96
C LYS D 57 13.54 -0.15 17.45
N ALA D 58 14.48 0.37 18.22
CA ALA D 58 14.44 0.39 19.68
C ALA D 58 14.18 1.78 20.26
N ALA D 59 13.06 1.89 20.98
CA ALA D 59 12.66 3.08 21.75
C ALA D 59 11.36 2.72 22.47
N GLU D 60 10.94 3.53 23.44
CA GLU D 60 9.72 3.27 24.20
C GLU D 60 8.50 3.34 23.29
N ARG D 61 7.87 2.17 23.09
CA ARG D 61 6.81 2.01 22.10
C ARG D 61 7.31 2.36 20.68
N ALA D 62 8.44 1.77 20.30
CA ALA D 62 8.93 1.86 18.92
C ALA D 62 8.70 0.54 18.20
N ASP D 63 7.74 0.57 17.27
CA ASP D 63 7.24 -0.62 16.55
C ASP D 63 8.26 -1.74 16.28
N TYR D 64 7.77 -2.98 16.37
CA TYR D 64 8.63 -4.15 16.34
C TYR D 64 7.89 -5.42 15.93
N MET D 65 8.66 -6.37 15.43
CA MET D 65 8.28 -7.77 15.46
C MET D 65 9.48 -8.50 16.04
N ALA D 66 9.25 -9.65 16.67
CA ALA D 66 10.32 -10.35 17.34
C ALA D 66 10.08 -11.85 17.45
N LEU D 67 11.18 -12.60 17.49
CA LEU D 67 11.12 -14.03 17.66
C LEU D 67 11.89 -14.43 18.92
N ALA D 68 11.35 -15.39 19.68
CA ALA D 68 12.02 -15.88 20.89
C ALA D 68 11.59 -17.30 21.27
N ILE D 69 12.53 -18.04 21.87
CA ILE D 69 12.28 -19.39 22.38
C ILE D 69 11.56 -19.31 23.73
N VAL D 70 10.25 -19.57 23.70
CA VAL D 70 9.40 -19.52 24.90
C VAL D 70 8.97 -20.92 25.34
N ASP D 71 9.52 -21.36 26.46
CA ASP D 71 9.24 -22.67 27.06
C ASP D 71 9.70 -23.85 26.20
N GLY D 72 10.61 -23.60 25.25
CA GLY D 72 11.06 -24.62 24.31
C GLY D 72 10.33 -24.52 22.98
N HIS D 73 9.05 -24.17 23.03
CA HIS D 73 8.26 -23.81 21.85
C HIS D 73 8.76 -22.47 21.36
N LEU D 74 8.38 -22.10 20.15
CA LEU D 74 8.93 -20.91 19.52
C LEU D 74 7.84 -19.93 19.08
N GLN D 75 7.77 -18.77 19.73
CA GLN D 75 6.75 -17.77 19.38
C GLN D 75 7.29 -16.51 18.70
N LEU D 76 6.64 -16.12 17.61
CA LEU D 76 6.90 -14.84 16.95
C LEU D 76 5.87 -13.81 17.35
N SER D 77 6.36 -12.63 17.73
CA SER D 77 5.48 -11.56 18.20
C SER D 77 5.73 -10.24 17.45
N TYR D 78 4.76 -9.33 17.55
CA TYR D 78 4.83 -7.98 16.96
C TYR D 78 3.73 -7.04 17.47
N ASP D 79 3.99 -5.74 17.44
CA ASP D 79 3.01 -4.71 17.82
C ASP D 79 3.10 -3.58 16.82
N LEU D 80 1.96 -2.98 16.50
CA LEU D 80 1.87 -1.99 15.42
C LEU D 80 1.34 -0.63 15.87
N GLY D 81 1.05 -0.51 17.17
CA GLY D 81 0.39 0.69 17.72
C GLY D 81 -0.83 0.25 18.50
N SER D 82 -1.56 -0.71 17.93
CA SER D 82 -2.58 -1.45 18.66
C SER D 82 -1.92 -2.71 19.20
N GLN D 83 -2.38 -3.16 20.37
CA GLN D 83 -1.71 -4.18 21.18
C GLN D 83 -0.94 -5.28 20.41
N PRO D 84 0.08 -5.88 21.05
CA PRO D 84 0.88 -6.88 20.34
C PRO D 84 0.22 -8.26 20.22
N VAL D 85 0.45 -8.92 19.09
CA VAL D 85 -0.01 -10.31 18.82
C VAL D 85 1.15 -11.32 18.87
N VAL D 86 0.85 -12.52 19.35
CA VAL D 86 1.85 -13.57 19.52
C VAL D 86 1.51 -14.78 18.63
N LEU D 87 2.53 -15.32 17.95
CA LEU D 87 2.36 -16.50 17.10
C LEU D 87 3.35 -17.57 17.51
N ARG D 88 2.86 -18.57 18.24
CA ARG D 88 3.71 -19.64 18.75
C ARG D 88 3.72 -20.89 17.88
N SER D 89 4.91 -21.39 17.58
CA SER D 89 5.08 -22.63 16.84
C SER D 89 4.95 -23.83 17.78
N THR D 90 4.52 -24.95 17.20
CA THR D 90 4.41 -26.20 17.93
C THR D 90 5.62 -27.08 17.61
N VAL D 91 6.78 -26.68 18.11
CA VAL D 91 8.03 -27.42 17.93
C VAL D 91 8.96 -27.20 19.12
N LYS D 92 9.37 -28.32 19.73
CA LYS D 92 10.46 -28.33 20.70
C LYS D 92 11.74 -28.07 19.91
N VAL D 93 12.39 -26.95 20.21
CA VAL D 93 13.53 -26.47 19.41
C VAL D 93 14.89 -26.97 19.92
N ASN D 94 14.85 -27.82 20.95
CA ASN D 94 16.05 -28.29 21.63
C ASN D 94 16.99 -29.20 20.80
N THR D 95 16.42 -29.88 19.80
CA THR D 95 17.10 -30.89 18.96
C THR D 95 18.62 -30.97 18.98
N ASN D 96 19.27 -29.88 18.60
CA ASN D 96 20.69 -29.86 18.19
C ASN D 96 20.88 -30.46 16.79
N ARG D 97 19.87 -31.19 16.33
CA ARG D 97 19.71 -31.46 14.90
C ARG D 97 19.21 -30.16 14.26
N TRP D 98 19.20 -30.10 12.93
CA TRP D 98 19.00 -28.85 12.22
C TRP D 98 17.60 -28.57 11.74
N LEU D 99 17.09 -27.39 12.09
CA LEU D 99 15.71 -27.01 11.80
C LEU D 99 15.64 -25.78 10.90
N ARG D 100 14.70 -25.78 9.94
CA ARG D 100 14.46 -24.60 9.09
C ARG D 100 13.19 -23.84 9.49
N ILE D 101 13.26 -22.51 9.44
CA ILE D 101 12.15 -21.63 9.83
C ILE D 101 11.69 -20.69 8.71
N ARG D 102 10.40 -20.36 8.72
CA ARG D 102 9.76 -19.40 7.81
C ARG D 102 8.71 -18.59 8.58
N ALA D 103 8.74 -17.28 8.38
CA ALA D 103 7.73 -16.38 8.95
C ALA D 103 7.51 -15.16 8.06
N HIS D 104 6.26 -14.72 7.96
CA HIS D 104 5.87 -13.63 7.04
C HIS D 104 4.71 -12.87 7.59
N ARG D 105 4.77 -11.54 7.50
CA ARG D 105 3.65 -10.70 7.88
C ARG D 105 3.29 -9.76 6.73
N GLU D 106 2.08 -9.92 6.23
CA GLU D 106 1.51 -9.04 5.22
C GLU D 106 0.55 -8.08 5.91
N HIS D 107 1.02 -6.85 6.11
CA HIS D 107 0.32 -5.83 6.91
C HIS D 107 -0.02 -6.31 8.30
N ARG D 108 -1.31 -6.53 8.54
CA ARG D 108 -1.82 -6.94 9.85
C ARG D 108 -1.55 -8.41 10.16
N GLU D 109 -1.82 -9.26 9.18
CA GLU D 109 -1.78 -10.72 9.29
C GLU D 109 -0.37 -11.30 9.25
N GLY D 110 -0.04 -12.07 10.28
CA GLY D 110 1.27 -12.70 10.39
C GLY D 110 1.18 -14.19 10.08
N SER D 111 2.35 -14.84 10.03
CA SER D 111 2.47 -16.24 9.70
C SER D 111 3.84 -16.72 10.14
N LEU D 112 3.91 -17.94 10.67
CA LEU D 112 5.16 -18.54 11.10
C LEU D 112 5.06 -20.06 11.24
N GLN D 113 6.02 -20.76 10.64
CA GLN D 113 6.12 -22.22 10.79
C GLN D 113 7.54 -22.67 11.09
N VAL D 114 7.67 -23.66 11.97
CA VAL D 114 8.96 -24.31 12.18
C VAL D 114 8.91 -25.67 11.51
N GLY D 115 9.80 -25.87 10.54
CA GLY D 115 9.86 -27.11 9.78
C GLY D 115 8.70 -27.27 8.82
N ASN D 116 8.04 -28.42 8.88
CA ASN D 116 6.89 -28.74 8.02
C ASN D 116 5.55 -28.64 8.75
N GLU D 117 5.62 -28.21 10.01
CA GLU D 117 4.44 -27.87 10.80
C GLU D 117 3.52 -26.92 10.03
N ALA D 118 2.21 -27.15 10.10
CA ALA D 118 1.24 -26.28 9.45
C ALA D 118 1.49 -24.82 9.87
N PRO D 119 1.41 -23.88 8.89
CA PRO D 119 1.66 -22.46 9.16
C PRO D 119 0.72 -21.90 10.22
N VAL D 120 1.28 -21.51 11.37
CA VAL D 120 0.52 -20.76 12.39
C VAL D 120 0.34 -19.34 11.87
N THR D 121 -0.91 -18.94 11.64
CA THR D 121 -1.21 -17.58 11.19
C THR D 121 -1.92 -16.80 12.30
N GLY D 122 -1.85 -15.47 12.23
CA GLY D 122 -2.46 -14.59 13.23
C GLY D 122 -2.93 -13.25 12.70
N SER D 123 -3.24 -12.33 13.62
CA SER D 123 -3.69 -10.97 13.26
C SER D 123 -3.28 -9.93 14.30
N SER D 124 -2.83 -8.77 13.81
CA SER D 124 -2.62 -7.61 14.67
C SER D 124 -3.95 -6.92 14.99
N PRO D 125 -4.14 -6.49 16.27
CA PRO D 125 -5.30 -5.67 16.62
C PRO D 125 -5.50 -4.50 15.64
N LEU D 126 -6.76 -4.21 15.34
CA LEU D 126 -7.13 -3.27 14.28
C LEU D 126 -6.94 -1.80 14.66
N GLY D 127 -6.55 -0.97 13.68
CA GLY D 127 -6.32 0.47 13.91
C GLY D 127 -4.84 0.84 13.95
N ALA D 128 -4.00 -0.10 13.51
CA ALA D 128 -2.56 0.07 13.43
C ALA D 128 -2.01 -1.00 12.50
N THR D 129 -1.56 -0.58 11.33
CA THR D 129 -1.06 -1.49 10.29
C THR D 129 0.45 -1.29 10.03
N GLN D 130 0.98 -0.19 10.53
CA GLN D 130 2.37 0.23 10.32
C GLN D 130 3.37 -0.49 11.22
N LEU D 131 4.46 -0.96 10.64
CA LEU D 131 5.65 -1.29 11.41
C LEU D 131 6.73 -0.29 11.06
N ASP D 132 7.53 0.12 12.03
CA ASP D 132 8.43 1.24 11.80
C ASP D 132 9.90 0.87 11.94
N THR D 133 10.57 0.71 10.80
CA THR D 133 11.95 0.24 10.74
C THR D 133 12.94 1.29 10.25
N ASP D 134 14.20 1.11 10.66
CA ASP D 134 15.33 1.84 10.10
C ASP D 134 15.72 1.25 8.76
N GLY D 135 15.57 -0.06 8.65
CA GLY D 135 16.18 -0.81 7.56
C GLY D 135 17.50 -1.38 8.04
N ALA D 136 17.52 -1.75 9.32
CA ALA D 136 18.64 -2.50 9.94
C ALA D 136 18.15 -3.18 11.23
N LEU D 137 17.70 -4.42 11.11
CA LEU D 137 17.26 -5.19 12.28
C LEU D 137 18.44 -5.64 13.12
N TRP D 138 18.16 -6.05 14.36
CA TRP D 138 19.16 -6.64 15.25
C TRP D 138 18.97 -8.14 15.34
N LEU D 139 20.03 -8.85 15.69
CA LEU D 139 20.04 -10.32 15.68
C LEU D 139 21.08 -10.93 16.64
N GLY D 140 20.79 -12.13 17.13
CA GLY D 140 21.63 -12.82 18.12
C GLY D 140 21.29 -12.33 19.51
N GLY D 141 21.60 -11.05 19.76
CA GLY D 141 21.32 -10.37 21.03
C GLY D 141 22.09 -9.07 21.20
N LEU D 142 21.94 -8.42 22.35
CA LEU D 142 22.66 -7.18 22.65
C LEU D 142 23.11 -7.11 24.10
N GLN D 143 23.65 -5.95 24.48
CA GLN D 143 24.03 -5.67 25.85
C GLN D 143 23.22 -4.47 26.37
N LYS D 144 22.65 -4.62 27.57
CA LYS D 144 21.82 -3.61 28.26
C LYS D 144 20.88 -2.80 27.35
N LEU D 145 20.13 -3.48 26.48
CA LEU D 145 19.34 -2.77 25.44
C LEU D 145 17.84 -3.15 25.24
N PRO D 146 17.33 -4.21 25.93
CA PRO D 146 15.90 -4.56 25.75
C PRO D 146 14.92 -3.42 26.11
N VAL D 147 14.43 -2.72 25.08
CA VAL D 147 13.74 -1.42 25.23
C VAL D 147 12.33 -1.44 25.83
N GLY D 148 11.72 -0.25 25.90
CA GLY D 148 10.33 -0.04 26.32
C GLY D 148 9.96 -0.90 27.51
N GLN D 149 8.93 -1.72 27.34
CA GLN D 149 8.58 -2.85 28.23
C GLN D 149 7.39 -3.69 27.74
N ALA D 150 7.70 -4.81 27.07
CA ALA D 150 6.71 -5.78 26.61
C ALA D 150 7.29 -7.19 26.59
N LEU D 151 8.16 -7.47 27.55
CA LEU D 151 9.02 -8.65 27.48
C LEU D 151 8.73 -9.71 28.56
N PRO D 152 8.14 -10.85 28.14
CA PRO D 152 8.25 -12.07 28.96
C PRO D 152 9.73 -12.45 29.19
N LYS D 153 9.98 -13.40 30.09
CA LYS D 153 11.35 -13.74 30.50
C LYS D 153 12.14 -14.60 29.49
N ALA D 154 11.69 -14.58 28.23
CA ALA D 154 12.44 -15.16 27.13
C ALA D 154 13.16 -14.08 26.32
N TYR D 155 12.62 -12.87 26.36
CA TYR D 155 13.22 -11.73 25.66
C TYR D 155 14.38 -11.11 26.44
N GLY D 156 14.92 -11.85 27.39
CA GLY D 156 16.02 -11.36 28.21
C GLY D 156 17.38 -11.78 27.70
N THR D 157 17.41 -12.83 26.89
CA THR D 157 18.65 -13.54 26.59
C THR D 157 19.58 -12.84 25.59
N GLY D 158 20.82 -12.61 26.03
CA GLY D 158 21.94 -12.31 25.14
C GLY D 158 22.37 -13.64 24.58
N PHE D 159 21.52 -14.19 23.73
CA PHE D 159 21.56 -15.59 23.32
C PHE D 159 22.77 -15.94 22.46
N VAL D 160 23.80 -16.39 23.16
CA VAL D 160 24.91 -17.12 22.60
C VAL D 160 24.29 -18.21 21.71
N GLY D 161 24.48 -18.11 20.38
CA GLY D 161 23.83 -19.04 19.46
C GLY D 161 24.48 -19.30 18.11
N CYS D 162 24.13 -20.44 17.52
CA CYS D 162 24.60 -20.84 16.18
C CYS D 162 23.46 -21.22 15.22
N LEU D 163 23.41 -20.51 14.10
CA LEU D 163 22.37 -20.66 13.07
C LEU D 163 23.03 -20.80 11.70
N ARG D 164 22.23 -20.70 10.64
CA ARG D 164 22.74 -20.67 9.27
C ARG D 164 21.74 -20.00 8.34
N ASP D 165 22.17 -19.75 7.10
CA ASP D 165 21.29 -19.48 5.95
C ASP D 165 20.12 -18.50 6.20
N VAL D 166 20.45 -17.27 6.57
CA VAL D 166 19.43 -16.23 6.85
C VAL D 166 19.01 -15.55 5.54
N VAL D 167 17.74 -15.19 5.44
CA VAL D 167 17.21 -14.45 4.29
C VAL D 167 16.46 -13.18 4.80
N VAL D 168 16.54 -12.08 4.05
CA VAL D 168 15.76 -10.87 4.39
C VAL D 168 14.97 -10.38 3.17
N GLY D 169 13.66 -10.24 3.35
CA GLY D 169 12.76 -9.96 2.24
C GLY D 169 12.92 -11.08 1.26
N HIS D 170 13.26 -10.75 0.02
CA HIS D 170 13.47 -11.75 -1.01
C HIS D 170 14.92 -12.03 -1.26
N ARG D 171 15.79 -11.14 -0.79
CA ARG D 171 17.25 -11.20 -1.04
C ARG D 171 18.07 -11.86 0.08
N GLN D 172 18.97 -12.76 -0.33
CA GLN D 172 19.81 -13.56 0.56
C GLN D 172 20.96 -12.75 1.18
N LEU D 173 21.18 -12.92 2.49
CA LEU D 173 22.36 -12.31 3.14
C LEU D 173 23.61 -13.17 2.96
N HIS D 174 24.61 -12.64 2.25
CA HIS D 174 25.95 -13.22 2.27
C HIS D 174 26.46 -13.04 3.68
N LEU D 175 26.63 -14.16 4.37
CA LEU D 175 26.72 -14.17 5.83
C LEU D 175 27.60 -13.10 6.47
N LEU D 176 28.92 -13.25 6.34
CA LEU D 176 29.85 -12.37 7.03
C LEU D 176 30.73 -11.50 6.13
N GLU D 177 31.15 -12.03 4.98
CA GLU D 177 32.07 -11.28 4.10
C GLU D 177 31.49 -9.94 3.61
N ASP D 178 30.16 -9.83 3.59
CA ASP D 178 29.49 -8.52 3.55
C ASP D 178 28.51 -8.34 4.72
N ALA D 179 28.91 -8.86 5.89
CA ALA D 179 28.19 -8.63 7.13
C ALA D 179 28.24 -7.15 7.45
N VAL D 180 27.21 -6.69 8.14
CA VAL D 180 27.02 -5.26 8.34
C VAL D 180 27.97 -4.72 9.38
N THR D 181 27.72 -5.04 10.65
CA THR D 181 28.59 -4.62 11.72
C THR D 181 29.21 -5.86 12.38
N LYS D 182 30.26 -6.38 11.73
CA LYS D 182 30.87 -7.68 12.01
C LYS D 182 31.61 -7.77 13.35
N PRO D 183 31.19 -8.67 14.25
CA PRO D 183 31.82 -8.84 15.56
C PRO D 183 32.91 -9.92 15.60
N GLU D 184 32.66 -11.08 15.00
CA GLU D 184 33.65 -12.16 14.95
C GLU D 184 33.64 -12.99 13.67
N LEU D 185 34.82 -13.52 13.35
CA LEU D 185 35.04 -14.30 12.13
C LEU D 185 35.29 -15.79 12.46
N ARG D 186 34.30 -16.64 12.17
CA ARG D 186 34.39 -18.09 12.38
C ARG D 186 33.07 -18.83 12.08
N PRO D 187 33.17 -20.02 11.44
CA PRO D 187 32.01 -20.92 11.30
C PRO D 187 31.66 -21.63 12.62
N CYS D 188 30.54 -22.36 12.65
CA CYS D 188 30.05 -23.04 13.85
C CYS D 188 30.87 -24.28 14.22
N PRO D 189 31.18 -24.47 15.52
CA PRO D 189 31.66 -25.78 15.99
C PRO D 189 30.50 -26.79 15.99
N THR D 190 30.11 -27.20 14.79
CA THR D 190 28.82 -27.86 14.52
C THR D 190 28.69 -29.28 15.13
N PRO D 191 27.47 -29.67 15.55
CA PRO D 191 27.18 -30.93 16.28
C PRO D 191 27.95 -32.15 15.79
CA CA E . -7.26 -4.96 -7.82
CA CA F . 0.20 2.89 13.89
#